data_2R91
#
_entry.id   2R91
#
_cell.length_a   150.347
_cell.length_b   150.347
_cell.length_c   175.420
_cell.angle_alpha   90.000
_cell.angle_beta   90.000
_cell.angle_gamma   90.000
#
_symmetry.space_group_name_H-M   'P 43 21 2'
#
loop_
_entity.id
_entity.type
_entity.pdbx_description
1 polymer '2-Keto-3-deoxy-(6-phospho-)gluconate aldolase'
2 non-polymer 'SULFATE ION'
3 water water
#
_entity_poly.entity_id   1
_entity_poly.type   'polypeptide(L)'
_entity_poly.pdbx_seq_one_letter_code
;MEIVAPVITTFRGGRLDPELFANHVKNITSKGVDVVFVAGTTGLGPALSLQEKMELTDAATSAARRVIVQVASLNADEAI
ALAKYAESRGAEAVASLPPYYFPRLSERQIAKYFRDLCSAVSIPVFLYNYPAAVGRDVDARAAKELGCIRGVKDTNESLA
HTLAYKRYLPQARVYNGSDSLVFASFAVRLDGVVASSANYLPELLAGIRDAVAAGDIERARSLQFLLDEIVESARHIGYA
AAVYELVEIFQGYEAGEPRGPVYPLDPEEKAWLRAAVAKAKSQLRL
;
_entity_poly.pdbx_strand_id   A,D,B,C
#
loop_
_chem_comp.id
_chem_comp.type
_chem_comp.name
_chem_comp.formula
SO4 non-polymer 'SULFATE ION' 'O4 S -2'
#
# COMPACT_ATOMS: atom_id res chain seq x y z
N MET A 1 9.37 -13.63 30.56
CA MET A 1 8.93 -12.67 29.48
C MET A 1 8.01 -11.62 30.09
N GLU A 2 8.17 -10.37 29.63
CA GLU A 2 7.56 -9.21 30.26
C GLU A 2 6.26 -8.76 29.63
N ILE A 3 5.37 -8.28 30.47
CA ILE A 3 4.20 -7.56 30.03
C ILE A 3 4.53 -6.07 30.24
N VAL A 4 4.60 -5.34 29.12
CA VAL A 4 4.92 -3.91 29.19
C VAL A 4 3.65 -3.16 28.82
N ALA A 5 3.24 -2.23 29.66
CA ALA A 5 2.05 -1.46 29.35
C ALA A 5 2.41 -0.11 28.68
N PRO A 6 1.93 0.12 27.43
CA PRO A 6 2.05 1.45 26.82
C PRO A 6 0.88 2.22 27.42
N VAL A 7 1.16 2.84 28.57
CA VAL A 7 0.14 3.37 29.43
C VAL A 7 -0.56 4.58 28.82
N ILE A 8 -1.87 4.69 29.07
CA ILE A 8 -2.62 5.86 28.66
C ILE A 8 -2.15 7.10 29.44
N THR A 9 -2.27 8.25 28.80
CA THR A 9 -2.03 9.53 29.43
C THR A 9 -3.39 10.10 29.86
N THR A 10 -3.59 10.25 31.17
CA THR A 10 -4.91 10.52 31.75
C THR A 10 -5.15 12.04 31.90
N PHE A 11 -5.83 12.67 30.93
CA PHE A 11 -6.24 14.07 31.04
C PHE A 11 -7.54 14.20 31.86
N ARG A 12 -7.66 15.30 32.58
CA ARG A 12 -8.93 15.72 33.16
C ARG A 12 -8.93 17.23 33.25
N GLY A 13 -10.05 17.85 32.86
CA GLY A 13 -10.15 19.31 32.85
C GLY A 13 -9.13 19.98 31.94
N GLY A 14 -8.72 19.27 30.89
CA GLY A 14 -7.78 19.83 29.91
C GLY A 14 -6.30 19.62 30.22
N ARG A 15 -6.00 19.17 31.44
CA ARG A 15 -4.61 18.96 31.81
C ARG A 15 -4.38 17.52 32.23
N LEU A 16 -3.12 17.10 32.31
CA LEU A 16 -2.76 15.81 32.89
C LEU A 16 -3.16 15.72 34.35
N ASP A 17 -3.79 14.60 34.70
CA ASP A 17 -4.17 14.37 36.07
C ASP A 17 -3.30 13.25 36.62
N PRO A 18 -2.31 13.60 37.48
CA PRO A 18 -1.36 12.59 37.95
C PRO A 18 -1.97 11.69 39.02
N GLU A 19 -3.07 12.11 39.63
CA GLU A 19 -3.72 11.23 40.59
C GLU A 19 -4.43 10.08 39.87
N LEU A 20 -5.20 10.42 38.83
CA LEU A 20 -5.79 9.36 37.97
C LEU A 20 -4.67 8.44 37.43
N PHE A 21 -3.59 9.04 36.95
CA PHE A 21 -2.48 8.28 36.34
C PHE A 21 -1.82 7.30 37.32
N ALA A 22 -1.54 7.78 38.53
CA ALA A 22 -0.90 6.97 39.56
C ALA A 22 -1.77 5.82 40.02
N ASN A 23 -3.06 6.08 40.21
CA ASN A 23 -3.97 5.03 40.61
C ASN A 23 -3.97 3.94 39.54
N HIS A 24 -4.09 4.36 38.28
CA HIS A 24 -4.11 3.42 37.14
C HIS A 24 -2.82 2.62 37.05
N VAL A 25 -1.67 3.29 37.09
CA VAL A 25 -0.40 2.57 37.04
C VAL A 25 -0.24 1.55 38.18
N LYS A 26 -0.62 1.95 39.39
CA LYS A 26 -0.46 1.07 40.53
C LYS A 26 -1.40 -0.14 40.44
N ASN A 27 -2.61 0.07 39.94
CA ASN A 27 -3.51 -1.05 39.67
C ASN A 27 -2.93 -2.04 38.65
N ILE A 28 -2.55 -1.55 37.48
CA ILE A 28 -2.14 -2.51 36.45
C ILE A 28 -0.83 -3.21 36.81
N THR A 29 0.09 -2.54 37.51
CA THR A 29 1.31 -3.24 37.89
C THR A 29 1.01 -4.28 39.00
N SER A 30 -0.04 -4.07 39.78
CA SER A 30 -0.46 -5.10 40.73
C SER A 30 -1.04 -6.36 40.05
N LYS A 31 -1.48 -6.20 38.79
CA LYS A 31 -2.16 -7.25 38.06
C LYS A 31 -1.30 -7.89 37.00
N GLY A 32 0.01 -7.66 37.05
CA GLY A 32 0.93 -8.35 36.14
C GLY A 32 1.77 -7.53 35.17
N VAL A 33 1.53 -6.23 35.10
CA VAL A 33 2.38 -5.38 34.25
C VAL A 33 3.76 -5.25 34.92
N ASP A 34 4.80 -5.61 34.18
CA ASP A 34 6.17 -5.59 34.66
C ASP A 34 6.85 -4.23 34.48
N VAL A 35 6.55 -3.56 33.37
CA VAL A 35 7.27 -2.35 32.95
C VAL A 35 6.21 -1.37 32.43
N VAL A 36 6.36 -0.08 32.73
CA VAL A 36 5.48 0.95 32.24
C VAL A 36 6.21 1.68 31.10
N PHE A 37 5.57 1.72 29.94
CA PHE A 37 6.09 2.44 28.74
C PHE A 37 5.28 3.72 28.61
N VAL A 38 5.91 4.87 28.92
CA VAL A 38 5.20 6.16 28.86
C VAL A 38 5.38 6.91 27.53
N ALA A 39 4.30 7.57 27.11
CA ALA A 39 4.21 8.39 25.87
C ALA A 39 4.35 7.56 24.59
N GLY A 40 3.90 6.30 24.65
CA GLY A 40 3.81 5.48 23.43
C GLY A 40 2.63 5.99 22.64
N THR A 41 2.29 5.35 21.51
CA THR A 41 1.10 5.79 20.75
C THR A 41 -0.16 5.69 21.59
N THR A 42 -0.30 4.60 22.33
CA THR A 42 -1.44 4.44 23.23
C THR A 42 -1.50 5.59 24.30
N GLY A 43 -0.31 6.11 24.69
CA GLY A 43 -0.19 7.29 25.59
C GLY A 43 -0.28 8.63 24.88
N LEU A 44 -0.65 8.60 23.59
CA LEU A 44 -0.78 9.82 22.78
C LEU A 44 0.54 10.58 22.62
N GLY A 45 1.66 9.87 22.64
CA GLY A 45 2.99 10.49 22.66
C GLY A 45 3.20 11.69 21.74
N PRO A 46 3.03 11.49 20.41
CA PRO A 46 3.21 12.65 19.51
C PRO A 46 2.27 13.84 19.72
N ALA A 47 1.20 13.67 20.48
CA ALA A 47 0.29 14.78 20.75
C ALA A 47 0.73 15.56 22.01
N LEU A 48 1.76 15.06 22.72
CA LEU A 48 2.14 15.67 24.02
C LEU A 48 3.30 16.62 23.84
N SER A 49 3.25 17.78 24.51
CA SER A 49 4.41 18.70 24.43
C SER A 49 5.57 18.12 25.23
N LEU A 50 6.75 18.72 25.06
CA LEU A 50 7.88 18.28 25.87
C LEU A 50 7.54 18.36 27.38
N GLN A 51 6.89 19.43 27.83
CA GLN A 51 6.64 19.55 29.26
C GLN A 51 5.65 18.51 29.75
N GLU A 52 4.64 18.22 28.92
CA GLU A 52 3.69 17.15 29.23
C GLU A 52 4.42 15.80 29.36
N LYS A 53 5.37 15.52 28.48
CA LYS A 53 6.15 14.28 28.58
C LYS A 53 7.03 14.25 29.83
N MET A 54 7.55 15.41 30.21
CA MET A 54 8.28 15.51 31.49
C MET A 54 7.36 15.23 32.65
N GLU A 55 6.16 15.81 32.65
CA GLU A 55 5.20 15.55 33.73
C GLU A 55 4.86 14.08 33.81
N LEU A 56 4.67 13.48 32.64
CA LEU A 56 4.33 12.08 32.56
C LEU A 56 5.50 11.19 33.03
N THR A 57 6.73 11.57 32.67
CA THR A 57 7.93 10.89 33.17
C THR A 57 7.98 10.91 34.70
N ASP A 58 7.68 12.08 35.30
CA ASP A 58 7.71 12.18 36.77
C ASP A 58 6.65 11.27 37.36
N ALA A 59 5.44 11.31 36.78
CA ALA A 59 4.32 10.51 37.32
C ALA A 59 4.61 9.03 37.19
N ALA A 60 5.16 8.61 36.04
CA ALA A 60 5.41 7.19 35.79
C ALA A 60 6.51 6.67 36.72
N THR A 61 7.64 7.39 36.77
CA THR A 61 8.76 6.96 37.64
C THR A 61 8.42 7.05 39.15
N SER A 62 7.49 7.88 39.56
CA SER A 62 7.12 7.82 40.96
C SER A 62 6.06 6.73 41.26
N ALA A 63 5.39 6.22 40.23
CA ALA A 63 4.36 5.18 40.43
C ALA A 63 4.86 3.74 40.17
N ALA A 64 5.91 3.59 39.36
CA ALA A 64 6.36 2.27 38.95
C ALA A 64 7.85 2.15 39.11
N ARG A 65 8.31 0.96 39.45
CA ARG A 65 9.76 0.76 39.59
C ARG A 65 10.49 0.58 38.29
N ARG A 66 9.78 0.16 37.22
CA ARG A 66 10.42 -0.07 35.93
C ARG A 66 9.70 0.74 34.84
N VAL A 67 10.41 1.70 34.24
CA VAL A 67 9.78 2.69 33.35
C VAL A 67 10.65 2.89 32.14
N ILE A 68 10.04 2.82 30.95
CA ILE A 68 10.73 3.23 29.72
C ILE A 68 9.98 4.44 29.19
N VAL A 69 10.71 5.49 28.80
CA VAL A 69 10.07 6.72 28.32
C VAL A 69 10.30 6.88 26.81
N GLN A 70 9.19 7.07 26.09
CA GLN A 70 9.16 7.37 24.65
C GLN A 70 9.47 8.85 24.46
N VAL A 71 10.51 9.18 23.70
CA VAL A 71 11.01 10.58 23.68
C VAL A 71 10.88 11.35 22.33
N ALA A 72 10.31 10.72 21.30
CA ALA A 72 10.37 11.33 19.98
C ALA A 72 9.75 12.74 19.94
N SER A 73 10.36 13.60 19.16
CA SER A 73 9.79 14.91 18.86
C SER A 73 10.21 15.30 17.47
N LEU A 74 9.39 16.07 16.76
CA LEU A 74 9.81 16.58 15.46
C LEU A 74 10.73 17.83 15.58
N ASN A 75 11.09 18.19 16.79
CA ASN A 75 12.26 19.01 17.05
C ASN A 75 13.23 18.10 17.80
N ALA A 76 14.27 17.65 17.12
CA ALA A 76 15.11 16.57 17.66
C ALA A 76 15.83 16.95 18.96
N ASP A 77 16.11 18.24 19.17
CA ASP A 77 16.71 18.71 20.43
C ASP A 77 15.80 18.34 21.60
N GLU A 78 14.49 18.35 21.38
CA GLU A 78 13.58 17.98 22.46
C GLU A 78 13.65 16.51 22.87
N ALA A 79 13.91 15.64 21.90
CA ALA A 79 14.07 14.21 22.15
C ALA A 79 15.33 14.00 23.00
N ILE A 80 16.42 14.66 22.64
CA ILE A 80 17.65 14.62 23.46
C ILE A 80 17.44 15.14 24.87
N ALA A 81 16.81 16.29 25.00
CA ALA A 81 16.57 16.87 26.32
C ALA A 81 15.71 15.94 27.19
N LEU A 82 14.65 15.37 26.61
CA LEU A 82 13.79 14.52 27.42
C LEU A 82 14.49 13.21 27.75
N ALA A 83 15.27 12.70 26.83
CA ALA A 83 16.02 11.46 27.14
C ALA A 83 16.92 11.66 28.37
N LYS A 84 17.61 12.80 28.43
CA LYS A 84 18.46 13.07 29.60
C LYS A 84 17.61 13.21 30.86
N TYR A 85 16.48 13.89 30.77
CA TYR A 85 15.55 14.03 31.89
C TYR A 85 15.04 12.68 32.40
N ALA A 86 14.59 11.84 31.48
CA ALA A 86 14.10 10.50 31.84
C ALA A 86 15.19 9.71 32.57
N GLU A 87 16.40 9.75 32.04
CA GLU A 87 17.52 9.08 32.68
C GLU A 87 17.74 9.58 34.12
N SER A 88 17.63 10.88 34.33
CA SER A 88 17.86 11.46 35.67
C SER A 88 16.75 11.06 36.62
N ARG A 89 15.56 10.81 36.07
CA ARG A 89 14.42 10.35 36.86
C ARG A 89 14.41 8.84 37.13
N GLY A 90 15.42 8.13 36.66
CA GLY A 90 15.55 6.72 36.95
C GLY A 90 14.88 5.75 35.97
N ALA A 91 14.53 6.24 34.78
CA ALA A 91 13.98 5.39 33.72
C ALA A 91 15.01 4.33 33.41
N GLU A 92 14.55 3.10 33.16
CA GLU A 92 15.51 2.07 32.89
C GLU A 92 15.98 2.12 31.44
N ALA A 93 15.20 2.77 30.58
CA ALA A 93 15.57 2.91 29.18
C ALA A 93 14.78 4.07 28.58
N VAL A 94 15.21 4.57 27.44
CA VAL A 94 14.33 5.47 26.65
C VAL A 94 14.06 4.81 25.30
N ALA A 95 12.96 5.18 24.65
CA ALA A 95 12.63 4.65 23.33
C ALA A 95 12.32 5.81 22.42
N SER A 96 12.45 5.62 21.12
CA SER A 96 11.96 6.62 20.17
C SER A 96 11.37 6.00 18.91
N LEU A 97 10.23 6.53 18.49
CA LEU A 97 9.79 6.41 17.13
C LEU A 97 10.90 6.93 16.24
N PRO A 98 10.99 6.41 14.99
CA PRO A 98 11.79 7.11 14.00
C PRO A 98 11.11 8.45 13.68
N PRO A 99 11.85 9.41 13.14
CA PRO A 99 11.18 10.64 12.68
C PRO A 99 9.93 10.27 11.84
N TYR A 100 8.79 10.85 12.18
CA TYR A 100 7.52 10.55 11.53
C TYR A 100 6.96 11.77 10.78
N TYR A 101 5.75 11.62 10.26
CA TYR A 101 5.09 12.60 9.40
C TYR A 101 5.76 12.83 8.01
N PHE A 102 6.98 13.37 8.00
CA PHE A 102 7.64 13.78 6.76
C PHE A 102 7.98 12.59 5.89
N PRO A 103 7.47 12.57 4.65
CA PRO A 103 7.78 11.46 3.74
C PRO A 103 9.19 11.63 3.22
N ARG A 104 9.89 10.54 3.01
CA ARG A 104 11.14 10.61 2.29
C ARG A 104 12.24 11.47 2.93
N LEU A 105 12.36 11.43 4.26
CA LEU A 105 13.59 11.82 4.90
C LEU A 105 14.66 10.85 4.39
N SER A 106 15.93 11.22 4.45
CA SER A 106 17.00 10.35 3.98
C SER A 106 17.43 9.35 5.03
N GLU A 107 18.06 8.26 4.60
CA GLU A 107 18.66 7.33 5.56
C GLU A 107 19.66 8.05 6.47
N ARG A 108 20.43 9.00 5.92
CA ARG A 108 21.39 9.74 6.77
C ARG A 108 20.67 10.49 7.88
N GLN A 109 19.54 11.12 7.55
CA GLN A 109 18.79 11.87 8.58
C GLN A 109 18.26 10.99 9.70
N ILE A 110 17.67 9.85 9.32
CA ILE A 110 17.16 8.90 10.31
C ILE A 110 18.30 8.40 11.22
N ALA A 111 19.43 8.06 10.62
CA ALA A 111 20.56 7.51 11.39
C ALA A 111 21.13 8.52 12.35
N LYS A 112 21.30 9.76 11.91
CA LYS A 112 21.82 10.83 12.77
C LYS A 112 20.92 11.02 13.96
N TYR A 113 19.60 11.06 13.72
CA TYR A 113 18.62 11.16 14.81
C TYR A 113 18.86 10.12 15.91
N PHE A 114 18.87 8.84 15.54
CA PHE A 114 19.08 7.78 16.53
C PHE A 114 20.47 7.82 17.13
N ARG A 115 21.50 8.09 16.34
CA ARG A 115 22.85 8.13 16.92
C ARG A 115 23.02 9.27 17.93
N ASP A 116 22.45 10.42 17.62
CA ASP A 116 22.44 11.52 18.58
C ASP A 116 21.74 11.17 19.89
N LEU A 117 20.63 10.43 19.79
CA LEU A 117 19.95 9.98 21.00
C LEU A 117 20.82 9.05 21.83
N CYS A 118 21.44 8.07 21.16
CA CYS A 118 22.34 7.15 21.87
C CYS A 118 23.51 7.87 22.57
N SER A 119 24.02 8.94 21.95
CA SER A 119 25.15 9.69 22.51
C SER A 119 24.75 10.49 23.73
N ALA A 120 23.45 10.81 23.82
CA ALA A 120 22.91 11.67 24.86
C ALA A 120 22.81 11.01 26.24
N VAL A 121 22.72 9.68 26.28
CA VAL A 121 22.45 8.99 27.54
C VAL A 121 23.29 7.73 27.65
N SER A 122 23.33 7.19 28.87
CA SER A 122 24.03 5.94 29.16
C SER A 122 23.08 4.76 29.21
N ILE A 123 21.83 5.00 29.61
CA ILE A 123 20.85 3.92 29.65
C ILE A 123 20.54 3.45 28.20
N PRO A 124 20.01 2.23 28.04
CA PRO A 124 19.70 1.66 26.72
C PRO A 124 18.70 2.52 25.94
N VAL A 125 18.94 2.67 24.65
CA VAL A 125 18.00 3.31 23.74
C VAL A 125 17.27 2.23 22.92
N PHE A 126 15.93 2.26 22.93
CA PHE A 126 15.09 1.31 22.18
C PHE A 126 14.60 1.94 20.91
N LEU A 127 14.57 1.17 19.83
CA LEU A 127 13.81 1.58 18.67
C LEU A 127 12.33 1.25 18.93
N TYR A 128 11.46 2.23 18.74
CA TYR A 128 10.02 2.00 18.78
C TYR A 128 9.52 2.14 17.35
N ASN A 129 9.29 0.99 16.71
CA ASN A 129 8.95 0.92 15.31
C ASN A 129 7.43 0.72 15.17
N TYR A 130 6.79 1.51 14.32
CA TYR A 130 5.35 1.46 14.17
C TYR A 130 5.02 1.98 12.77
N PRO A 131 5.33 1.18 11.75
CA PRO A 131 5.23 1.70 10.37
C PRO A 131 3.89 2.26 9.94
N ALA A 132 2.79 1.67 10.39
CA ALA A 132 1.46 2.20 10.04
C ALA A 132 1.22 3.65 10.52
N ALA A 133 1.82 4.01 11.66
CA ALA A 133 1.62 5.36 12.23
C ALA A 133 2.74 6.27 11.74
N VAL A 134 3.97 5.77 11.72
CA VAL A 134 5.17 6.58 11.43
C VAL A 134 5.32 6.92 9.93
N GLY A 135 4.91 5.98 9.09
CA GLY A 135 4.98 6.16 7.65
C GLY A 135 6.29 5.66 7.07
N ARG A 136 7.15 5.11 7.92
CA ARG A 136 8.37 4.43 7.48
C ARG A 136 8.68 3.30 8.43
N ASP A 137 9.56 2.41 8.00
CA ASP A 137 9.99 1.25 8.75
C ASP A 137 11.48 1.35 9.00
N VAL A 138 11.93 1.07 10.22
CA VAL A 138 13.33 0.82 10.50
C VAL A 138 13.46 -0.67 10.82
N ASP A 139 13.78 -1.47 9.80
CA ASP A 139 13.71 -2.95 9.93
C ASP A 139 14.94 -3.46 10.68
N ALA A 140 15.01 -4.79 10.90
CA ALA A 140 16.11 -5.34 11.71
C ALA A 140 17.50 -4.98 11.18
N ARG A 141 17.68 -5.09 9.87
CA ARG A 141 18.96 -4.78 9.26
C ARG A 141 19.37 -3.29 9.45
N ALA A 142 18.43 -2.39 9.18
CA ALA A 142 18.62 -0.95 9.42
C ALA A 142 18.90 -0.67 10.90
N ALA A 143 18.18 -1.33 11.80
CA ALA A 143 18.38 -1.17 13.23
C ALA A 143 19.81 -1.59 13.67
N LYS A 144 20.29 -2.70 13.11
CA LYS A 144 21.67 -3.14 13.34
C LYS A 144 22.67 -2.13 12.80
N GLU A 145 22.40 -1.63 11.58
CA GLU A 145 23.22 -0.61 10.88
C GLU A 145 23.35 0.69 11.68
N LEU A 146 22.41 0.97 12.60
CA LEU A 146 22.51 2.16 13.45
C LEU A 146 23.62 2.04 14.46
N GLY A 147 23.86 0.82 14.92
CA GLY A 147 25.00 0.52 15.79
C GLY A 147 24.90 0.80 17.29
N CYS A 148 23.71 1.11 17.79
CA CYS A 148 23.58 1.47 19.21
C CYS A 148 22.23 1.09 19.85
N ILE A 149 21.41 0.38 19.10
CA ILE A 149 20.07 0.04 19.57
C ILE A 149 20.18 -1.16 20.49
N ARG A 150 19.56 -1.11 21.66
CA ARG A 150 19.65 -2.21 22.63
C ARG A 150 18.26 -2.81 22.97
N GLY A 151 17.26 -2.39 22.23
CA GLY A 151 15.92 -2.85 22.48
C GLY A 151 15.02 -2.43 21.35
N VAL A 152 13.95 -3.19 21.12
CA VAL A 152 13.01 -2.87 20.03
C VAL A 152 11.56 -3.12 20.47
N LYS A 153 10.70 -2.15 20.21
CA LYS A 153 9.27 -2.39 20.35
C LYS A 153 8.72 -2.26 18.96
N ASP A 154 8.15 -3.36 18.42
CA ASP A 154 7.70 -3.38 17.03
C ASP A 154 6.17 -3.52 17.05
N THR A 155 5.49 -2.41 16.84
CA THR A 155 4.03 -2.42 16.81
C THR A 155 3.68 -2.72 15.36
N ASN A 156 3.42 -3.99 15.10
CA ASN A 156 3.51 -4.53 13.74
C ASN A 156 2.73 -5.85 13.66
N GLU A 157 1.90 -6.01 12.63
CA GLU A 157 1.15 -7.27 12.44
C GLU A 157 2.04 -8.41 11.94
N SER A 158 3.21 -8.08 11.41
CA SER A 158 4.11 -9.11 10.91
C SER A 158 5.06 -9.67 12.02
N LEU A 159 4.72 -10.84 12.57
CA LEU A 159 5.55 -11.42 13.63
C LEU A 159 6.97 -11.71 13.14
N ALA A 160 7.09 -12.08 11.87
CA ALA A 160 8.43 -12.34 11.30
C ALA A 160 9.29 -11.08 11.30
N HIS A 161 8.69 -9.94 11.00
CA HIS A 161 9.42 -8.65 11.02
C HIS A 161 10.00 -8.45 12.43
N THR A 162 9.19 -8.72 13.45
CA THR A 162 9.64 -8.58 14.84
C THR A 162 10.73 -9.57 15.21
N LEU A 163 10.51 -10.85 14.86
CA LEU A 163 11.49 -11.89 15.12
C LEU A 163 12.84 -11.54 14.47
N ALA A 164 12.81 -10.94 13.30
CA ALA A 164 14.05 -10.58 12.63
C ALA A 164 14.96 -9.69 13.50
N TYR A 165 14.41 -8.87 14.40
CA TYR A 165 15.29 -8.08 15.30
C TYR A 165 16.08 -8.96 16.24
N LYS A 166 15.47 -10.03 16.70
CA LYS A 166 16.16 -11.00 17.53
C LYS A 166 17.29 -11.69 16.75
N ARG A 167 17.08 -11.86 15.46
CA ARG A 167 18.09 -12.48 14.60
C ARG A 167 19.28 -11.55 14.38
N TYR A 168 19.02 -10.29 14.06
CA TYR A 168 20.09 -9.32 13.78
C TYR A 168 20.70 -8.70 15.01
N LEU A 169 19.93 -8.65 16.10
CA LEU A 169 20.43 -8.10 17.37
C LEU A 169 20.19 -9.08 18.50
N PRO A 170 21.02 -10.14 18.57
CA PRO A 170 20.74 -11.22 19.53
C PRO A 170 20.77 -10.79 20.99
N GLN A 171 21.40 -9.65 21.28
CA GLN A 171 21.47 -9.13 22.64
C GLN A 171 20.37 -8.12 23.00
N ALA A 172 19.63 -7.64 22.01
CA ALA A 172 18.57 -6.65 22.28
C ALA A 172 17.39 -7.34 22.94
N ARG A 173 16.66 -6.61 23.78
CA ARG A 173 15.34 -7.02 24.24
C ARG A 173 14.28 -6.62 23.18
N VAL A 174 13.58 -7.62 22.64
CA VAL A 174 12.61 -7.42 21.53
C VAL A 174 11.17 -7.75 21.96
N TYR A 175 10.25 -6.83 21.68
CA TYR A 175 8.84 -6.90 22.07
C TYR A 175 7.96 -6.62 20.86
N ASN A 176 6.84 -7.32 20.77
CA ASN A 176 5.85 -6.99 19.75
C ASN A 176 4.70 -6.20 20.37
N GLY A 177 4.20 -5.20 19.64
CA GLY A 177 3.22 -4.26 20.21
C GLY A 177 1.77 -4.47 19.74
N SER A 178 1.54 -5.51 18.96
CA SER A 178 0.19 -5.78 18.44
C SER A 178 -0.64 -6.61 19.44
N ASP A 179 -1.81 -6.10 19.83
CA ASP A 179 -2.71 -6.85 20.73
C ASP A 179 -3.10 -8.24 20.16
N SER A 180 -3.13 -8.32 18.83
CA SER A 180 -3.52 -9.59 18.19
C SER A 180 -2.42 -10.64 18.24
N LEU A 181 -1.21 -10.23 18.68
CA LEU A 181 -0.04 -11.13 18.73
C LEU A 181 0.53 -11.42 20.12
N VAL A 182 -0.23 -11.16 21.18
CA VAL A 182 0.26 -11.44 22.55
C VAL A 182 0.58 -12.92 22.76
N PHE A 183 -0.40 -13.75 22.49
CA PHE A 183 -0.21 -15.21 22.50
C PHE A 183 0.99 -15.62 21.67
N ALA A 184 1.00 -15.26 20.39
CA ALA A 184 2.07 -15.63 19.49
C ALA A 184 3.46 -15.17 19.95
N SER A 185 3.55 -13.93 20.45
CA SER A 185 4.83 -13.43 21.00
C SER A 185 5.38 -14.28 22.14
N PHE A 186 4.56 -14.64 23.11
CA PHE A 186 5.03 -15.54 24.18
C PHE A 186 5.41 -16.93 23.63
N ALA A 187 4.58 -17.43 22.72
CA ALA A 187 4.84 -18.74 22.08
C ALA A 187 6.19 -18.82 21.36
N VAL A 188 6.59 -17.72 20.73
CA VAL A 188 7.87 -17.74 20.02
C VAL A 188 9.00 -17.22 20.91
N ARG A 189 8.69 -16.93 22.16
CA ARG A 189 9.67 -16.40 23.13
C ARG A 189 10.37 -15.12 22.69
N LEU A 190 9.58 -14.13 22.29
CA LEU A 190 10.06 -12.76 22.24
C LEU A 190 10.38 -12.41 23.70
N ASP A 191 11.04 -11.28 23.94
CA ASP A 191 11.31 -10.89 25.31
C ASP A 191 10.06 -10.43 26.04
N GLY A 192 9.00 -10.11 25.29
CA GLY A 192 7.78 -9.69 25.92
C GLY A 192 6.82 -9.06 24.92
N VAL A 193 5.76 -8.49 25.46
CA VAL A 193 4.77 -7.77 24.68
C VAL A 193 4.66 -6.36 25.22
N VAL A 194 4.35 -5.42 24.32
CA VAL A 194 3.96 -4.08 24.74
C VAL A 194 2.60 -3.77 24.13
N ALA A 195 1.56 -4.38 24.67
CA ALA A 195 0.23 -4.27 24.09
C ALA A 195 -0.67 -3.28 24.83
N SER A 196 -1.43 -2.50 24.06
CA SER A 196 -2.36 -1.50 24.63
C SER A 196 -3.36 -2.09 25.63
N SER A 197 -3.75 -3.36 25.43
CA SER A 197 -4.68 -4.00 26.35
C SER A 197 -4.14 -4.25 27.76
N ALA A 198 -2.82 -4.10 27.97
CA ALA A 198 -2.33 -4.12 29.35
C ALA A 198 -2.93 -2.98 30.18
N ASN A 199 -3.47 -1.96 29.54
CA ASN A 199 -4.19 -0.94 30.27
C ASN A 199 -5.49 -1.44 30.90
N TYR A 200 -6.28 -2.19 30.13
CA TYR A 200 -7.63 -2.54 30.59
C TYR A 200 -7.80 -3.98 31.02
N LEU A 201 -6.97 -4.89 30.51
CA LEU A 201 -7.03 -6.31 30.89
C LEU A 201 -5.68 -6.94 31.13
N PRO A 202 -4.87 -6.34 32.04
CA PRO A 202 -3.57 -6.91 32.32
C PRO A 202 -3.69 -8.36 32.81
N GLU A 203 -4.76 -8.66 33.55
CA GLU A 203 -4.93 -10.02 34.09
C GLU A 203 -5.17 -11.03 32.97
N LEU A 204 -5.77 -10.59 31.87
CA LEU A 204 -5.90 -11.44 30.67
C LEU A 204 -4.55 -11.73 30.02
N LEU A 205 -3.70 -10.70 29.90
CA LEU A 205 -2.39 -10.90 29.29
C LEU A 205 -1.56 -11.84 30.15
N ALA A 206 -1.66 -11.67 31.47
CA ALA A 206 -0.94 -12.55 32.42
C ALA A 206 -1.47 -13.97 32.29
N GLY A 207 -2.79 -14.11 32.14
CA GLY A 207 -3.39 -15.43 31.88
C GLY A 207 -2.85 -16.07 30.62
N ILE A 208 -2.71 -15.29 29.55
CA ILE A 208 -2.11 -15.83 28.32
C ILE A 208 -0.68 -16.28 28.56
N ARG A 209 0.12 -15.43 29.20
CA ARG A 209 1.52 -15.76 29.48
C ARG A 209 1.65 -17.05 30.33
N ASP A 210 0.84 -17.13 31.38
CA ASP A 210 0.77 -18.33 32.25
C ASP A 210 0.43 -19.58 31.46
N ALA A 211 -0.55 -19.44 30.58
CA ALA A 211 -1.03 -20.56 29.81
C ALA A 211 0.05 -21.05 28.87
N VAL A 212 0.68 -20.13 28.15
CA VAL A 212 1.76 -20.53 27.26
C VAL A 212 2.90 -21.23 28.04
N ALA A 213 3.27 -20.69 29.19
CA ALA A 213 4.35 -21.28 30.00
C ALA A 213 4.01 -22.68 30.55
N ALA A 214 2.73 -22.92 30.86
CA ALA A 214 2.24 -24.26 31.25
C ALA A 214 2.12 -25.26 30.09
N GLY A 215 2.31 -24.79 28.86
CA GLY A 215 2.08 -25.60 27.67
C GLY A 215 0.63 -25.70 27.25
N ASP A 216 -0.22 -24.90 27.90
CA ASP A 216 -1.65 -24.84 27.60
C ASP A 216 -1.95 -23.88 26.43
N ILE A 217 -1.57 -24.29 25.23
CA ILE A 217 -1.70 -23.45 24.04
C ILE A 217 -3.17 -23.17 23.70
N GLU A 218 -4.03 -24.15 23.93
CA GLU A 218 -5.45 -23.98 23.66
C GLU A 218 -6.08 -22.88 24.54
N ARG A 219 -5.79 -22.88 25.84
CA ARG A 219 -6.29 -21.80 26.72
C ARG A 219 -5.74 -20.41 26.29
N ALA A 220 -4.44 -20.35 26.02
CA ALA A 220 -3.78 -19.12 25.56
C ALA A 220 -4.46 -18.57 24.30
N ARG A 221 -4.66 -19.47 23.34
CA ARG A 221 -5.31 -19.09 22.10
C ARG A 221 -6.76 -18.64 22.32
N SER A 222 -7.48 -19.34 23.18
CA SER A 222 -8.84 -18.94 23.51
C SER A 222 -8.93 -17.56 24.16
N LEU A 223 -8.05 -17.30 25.13
CA LEU A 223 -7.95 -15.97 25.76
C LEU A 223 -7.63 -14.90 24.71
N GLN A 224 -6.67 -15.19 23.84
CA GLN A 224 -6.34 -14.30 22.71
C GLN A 224 -7.56 -13.94 21.84
N PHE A 225 -8.37 -14.94 21.52
CA PHE A 225 -9.51 -14.68 20.65
C PHE A 225 -10.55 -13.81 21.37
N LEU A 226 -10.72 -14.04 22.66
CA LEU A 226 -11.60 -13.19 23.46
C LEU A 226 -11.12 -11.73 23.45
N LEU A 227 -9.83 -11.53 23.64
CA LEU A 227 -9.22 -10.20 23.52
C LEU A 227 -9.45 -9.56 22.13
N ASP A 228 -9.22 -10.34 21.07
CA ASP A 228 -9.47 -9.86 19.70
C ASP A 228 -10.89 -9.31 19.50
N GLU A 229 -11.88 -9.99 20.08
CA GLU A 229 -13.28 -9.56 19.95
C GLU A 229 -13.48 -8.22 20.62
N ILE A 230 -12.81 -8.03 21.75
CA ILE A 230 -12.92 -6.76 22.51
C ILE A 230 -12.24 -5.65 21.73
N VAL A 231 -11.02 -5.89 21.28
CA VAL A 231 -10.33 -4.93 20.39
C VAL A 231 -11.14 -4.53 19.14
N GLU A 232 -11.71 -5.53 18.48
CA GLU A 232 -12.55 -5.32 17.31
C GLU A 232 -13.73 -4.38 17.60
N SER A 233 -14.43 -4.57 18.71
CA SER A 233 -15.53 -3.66 19.04
C SER A 233 -15.01 -2.22 19.27
N ALA A 234 -13.89 -2.12 19.97
CA ALA A 234 -13.30 -0.81 20.30
C ALA A 234 -12.82 -0.07 19.07
N ARG A 235 -12.24 -0.78 18.12
CA ARG A 235 -11.74 -0.18 16.90
C ARG A 235 -12.88 0.44 16.14
N HIS A 236 -14.05 -0.13 16.31
CA HIS A 236 -15.22 0.35 15.61
C HIS A 236 -15.56 1.82 15.96
N ILE A 237 -15.35 2.23 17.22
CA ILE A 237 -15.68 3.62 17.62
C ILE A 237 -14.50 4.58 17.79
N GLY A 238 -13.29 4.16 17.46
CA GLY A 238 -12.13 5.02 17.66
C GLY A 238 -11.29 4.41 18.77
N TYR A 239 -10.34 3.55 18.38
CA TYR A 239 -9.64 2.72 19.35
C TYR A 239 -8.96 3.53 20.44
N ALA A 240 -8.24 4.57 20.05
CA ALA A 240 -7.37 5.32 21.01
C ALA A 240 -8.20 5.94 22.12
N ALA A 241 -9.35 6.52 21.77
CA ALA A 241 -10.31 6.99 22.79
C ALA A 241 -11.00 5.87 23.58
N ALA A 242 -11.30 4.76 22.89
CA ALA A 242 -11.99 3.64 23.53
C ALA A 242 -11.16 2.97 24.63
N VAL A 243 -9.83 2.99 24.51
CA VAL A 243 -8.95 2.35 25.49
C VAL A 243 -9.31 2.83 26.91
N TYR A 244 -9.59 4.14 27.04
CA TYR A 244 -9.91 4.76 28.33
C TYR A 244 -11.21 4.21 28.89
N GLU A 245 -12.23 4.08 28.03
CA GLU A 245 -13.50 3.52 28.48
C GLU A 245 -13.37 2.03 28.83
N LEU A 246 -12.55 1.29 28.06
CA LEU A 246 -12.26 -0.11 28.39
C LEU A 246 -11.62 -0.25 29.79
N VAL A 247 -10.69 0.64 30.13
CA VAL A 247 -10.18 0.66 31.51
C VAL A 247 -11.31 0.83 32.53
N GLU A 248 -12.19 1.81 32.32
CA GLU A 248 -13.31 1.99 33.26
C GLU A 248 -14.17 0.72 33.34
N ILE A 249 -14.53 0.20 32.17
CA ILE A 249 -15.36 -1.03 32.11
C ILE A 249 -14.76 -2.22 32.86
N PHE A 250 -13.52 -2.55 32.58
CA PHE A 250 -12.94 -3.76 33.11
C PHE A 250 -12.25 -3.60 34.47
N GLN A 251 -11.77 -2.38 34.76
CA GLN A 251 -11.00 -2.14 36.00
C GLN A 251 -11.79 -1.35 37.05
N GLY A 252 -12.85 -0.68 36.63
CA GLY A 252 -13.81 -0.11 37.59
C GLY A 252 -13.40 1.18 38.29
N TYR A 253 -12.52 1.96 37.66
CA TYR A 253 -12.20 3.29 38.19
C TYR A 253 -12.12 4.28 37.04
N GLU A 254 -12.13 5.57 37.38
CA GLU A 254 -12.07 6.62 36.38
C GLU A 254 -10.71 6.65 35.72
N ALA A 255 -10.70 6.70 34.39
CA ALA A 255 -9.45 6.59 33.65
C ALA A 255 -9.05 7.90 32.99
N GLY A 256 -9.84 8.96 33.20
CA GLY A 256 -9.60 10.23 32.52
C GLY A 256 -9.96 10.12 31.03
N GLU A 257 -9.31 10.97 30.22
CA GLU A 257 -9.74 11.24 28.84
C GLU A 257 -8.52 11.52 28.00
N PRO A 258 -8.63 11.29 26.68
CA PRO A 258 -7.60 11.77 25.74
C PRO A 258 -7.90 13.25 25.42
N ARG A 259 -7.21 13.81 24.43
CA ARG A 259 -7.41 15.22 24.06
C ARG A 259 -7.51 15.35 22.53
N GLY A 260 -8.44 16.20 22.10
CA GLY A 260 -8.52 16.70 20.71
C GLY A 260 -7.19 16.64 20.00
N PRO A 261 -7.23 16.37 18.69
CA PRO A 261 -7.93 15.45 17.76
C PRO A 261 -8.34 14.05 18.22
N VAL A 262 -7.69 13.52 19.24
CA VAL A 262 -8.17 12.28 19.83
C VAL A 262 -9.27 12.62 20.86
N TYR A 263 -10.42 13.09 20.38
CA TYR A 263 -11.48 13.51 21.30
C TYR A 263 -11.99 12.33 22.11
N PRO A 264 -12.31 12.58 23.41
CA PRO A 264 -12.95 11.60 24.26
C PRO A 264 -14.22 11.03 23.59
N LEU A 265 -14.53 9.78 23.90
CA LEU A 265 -15.79 9.17 23.46
C LEU A 265 -16.93 9.94 24.07
N ASP A 266 -18.00 10.06 23.30
CA ASP A 266 -19.20 10.73 23.80
C ASP A 266 -20.06 9.72 24.57
N PRO A 267 -21.12 10.21 25.23
CA PRO A 267 -21.91 9.30 26.05
C PRO A 267 -22.52 8.14 25.27
N GLU A 268 -22.95 8.41 24.05
CA GLU A 268 -23.59 7.38 23.24
C GLU A 268 -22.58 6.31 22.83
N GLU A 269 -21.35 6.73 22.51
CA GLU A 269 -20.29 5.78 22.13
C GLU A 269 -19.90 4.92 23.33
N LYS A 270 -19.75 5.54 24.50
CA LYS A 270 -19.46 4.81 25.73
C LYS A 270 -20.53 3.76 26.04
N ALA A 271 -21.80 4.12 25.92
CA ALA A 271 -22.87 3.15 26.20
C ALA A 271 -22.82 1.97 25.21
N TRP A 272 -22.60 2.27 23.94
CA TRP A 272 -22.52 1.24 22.91
C TRP A 272 -21.35 0.28 23.19
N LEU A 273 -20.21 0.83 23.59
CA LEU A 273 -19.07 -0.03 23.87
C LEU A 273 -19.28 -0.92 25.07
N ARG A 274 -19.89 -0.39 26.11
CA ARG A 274 -20.15 -1.18 27.32
C ARG A 274 -20.99 -2.41 26.96
N ALA A 275 -22.00 -2.23 26.12
CA ALA A 275 -22.86 -3.34 25.70
C ALA A 275 -22.11 -4.28 24.75
N ALA A 276 -21.30 -3.70 23.89
CA ALA A 276 -20.52 -4.48 22.93
C ALA A 276 -19.57 -5.48 23.56
N VAL A 277 -19.04 -5.17 24.75
CA VAL A 277 -18.06 -6.08 25.34
C VAL A 277 -18.63 -6.86 26.54
N ALA A 278 -19.92 -6.66 26.84
CA ALA A 278 -20.51 -7.26 28.03
C ALA A 278 -20.44 -8.80 28.01
N LYS A 279 -20.68 -9.39 26.85
CA LYS A 279 -20.60 -10.83 26.69
C LYS A 279 -19.16 -11.34 26.91
N ALA A 280 -18.20 -10.80 26.17
CA ALA A 280 -16.80 -11.20 26.35
C ALA A 280 -16.39 -11.04 27.80
N LYS A 281 -16.88 -9.99 28.44
CA LYS A 281 -16.56 -9.74 29.83
C LYS A 281 -17.03 -10.87 30.74
N SER A 282 -18.27 -11.32 30.55
CA SER A 282 -18.85 -12.37 31.37
C SER A 282 -18.08 -13.69 31.21
N GLN A 283 -17.55 -13.93 30.02
CA GLN A 283 -16.77 -15.13 29.71
C GLN A 283 -15.39 -15.17 30.38
N LEU A 284 -15.06 -14.15 31.17
CA LEU A 284 -13.71 -14.00 31.70
C LEU A 284 -13.50 -14.60 33.09
N ARG A 285 -12.67 -15.65 33.14
CA ARG A 285 -12.30 -16.36 34.37
C ARG A 285 -10.87 -16.01 34.84
N LEU A 286 -10.58 -14.72 34.95
CA LEU A 286 -9.22 -14.24 35.27
C LEU A 286 -9.23 -13.40 36.55
N MET B 1 -5.25 32.15 -12.59
CA MET B 1 -4.90 30.95 -11.76
C MET B 1 -3.65 31.27 -10.95
N GLU B 2 -3.61 30.83 -9.69
CA GLU B 2 -2.60 31.31 -8.75
C GLU B 2 -1.41 30.36 -8.58
N ILE B 3 -0.25 30.96 -8.37
CA ILE B 3 0.95 30.26 -7.90
C ILE B 3 1.08 30.52 -6.40
N VAL B 4 0.97 29.47 -5.60
CA VAL B 4 1.00 29.61 -4.14
C VAL B 4 2.28 28.92 -3.66
N ALA B 5 3.10 29.62 -2.86
CA ALA B 5 4.33 29.03 -2.35
C ALA B 5 4.10 28.43 -0.97
N PRO B 6 4.32 27.09 -0.79
CA PRO B 6 4.34 26.51 0.55
C PRO B 6 5.75 26.83 0.99
N VAL B 7 5.91 28.00 1.61
CA VAL B 7 7.25 28.58 1.78
C VAL B 7 8.05 27.84 2.84
N ILE B 8 9.36 27.73 2.63
CA ILE B 8 10.24 27.17 3.66
C ILE B 8 10.28 28.01 4.94
N THR B 9 10.57 27.35 6.05
CA THR B 9 10.81 28.00 7.32
C THR B 9 12.33 28.06 7.49
N THR B 10 12.85 29.27 7.67
CA THR B 10 14.31 29.47 7.61
C THR B 10 14.93 29.52 9.02
N PHE B 11 15.69 28.48 9.37
CA PHE B 11 16.34 28.43 10.67
C PHE B 11 17.82 28.85 10.53
N ARG B 12 18.36 29.33 11.64
CA ARG B 12 19.78 29.51 11.83
C ARG B 12 20.11 28.98 13.20
N GLY B 13 20.92 27.95 13.24
CA GLY B 13 21.31 27.32 14.50
C GLY B 13 20.11 26.80 15.26
N GLY B 14 19.13 26.27 14.53
CA GLY B 14 17.96 25.68 15.15
C GLY B 14 16.99 26.71 15.70
N ARG B 15 17.25 27.98 15.43
CA ARG B 15 16.31 29.03 15.79
C ARG B 15 15.75 29.75 14.57
N LEU B 16 14.49 30.11 14.64
CA LEU B 16 13.84 30.78 13.54
C LEU B 16 14.56 32.09 13.16
N ASP B 17 14.81 32.31 11.87
CA ASP B 17 15.43 33.54 11.40
C ASP B 17 14.47 34.30 10.50
N PRO B 18 13.72 35.27 11.07
CA PRO B 18 12.73 36.01 10.27
C PRO B 18 13.31 36.92 9.19
N GLU B 19 14.59 37.30 9.26
CA GLU B 19 15.15 38.13 8.20
C GLU B 19 15.44 37.33 6.91
N LEU B 20 16.02 36.14 7.08
CA LEU B 20 16.16 35.23 5.95
C LEU B 20 14.79 34.98 5.31
N PHE B 21 13.81 34.74 6.17
CA PHE B 21 12.46 34.38 5.70
C PHE B 21 11.87 35.55 4.94
N ALA B 22 11.97 36.75 5.51
CA ALA B 22 11.35 37.93 4.86
C ALA B 22 11.98 38.17 3.50
N ASN B 23 13.31 38.08 3.42
CA ASN B 23 14.00 38.31 2.14
C ASN B 23 13.54 37.31 1.08
N HIS B 24 13.42 36.05 1.50
CA HIS B 24 12.99 34.98 0.59
C HIS B 24 11.56 35.23 0.07
N VAL B 25 10.64 35.54 0.99
CA VAL B 25 9.24 35.79 0.63
C VAL B 25 9.16 36.98 -0.32
N LYS B 26 9.87 38.05 0.03
CA LYS B 26 9.89 39.22 -0.87
C LYS B 26 10.39 38.85 -2.25
N ASN B 27 11.45 38.04 -2.34
CA ASN B 27 11.96 37.66 -3.64
C ASN B 27 10.99 36.81 -4.47
N ILE B 28 10.43 35.74 -3.89
CA ILE B 28 9.57 34.88 -4.70
C ILE B 28 8.26 35.57 -5.08
N THR B 29 7.75 36.44 -4.21
CA THR B 29 6.52 37.16 -4.57
C THR B 29 6.77 38.17 -5.71
N SER B 30 8.01 38.62 -5.89
CA SER B 30 8.35 39.51 -7.01
C SER B 30 8.51 38.72 -8.30
N LYS B 31 8.61 37.40 -8.20
CA LYS B 31 8.86 36.56 -9.36
C LYS B 31 7.66 35.70 -9.73
N GLY B 32 6.49 36.02 -9.22
CA GLY B 32 5.30 35.37 -9.72
C GLY B 32 4.50 34.64 -8.68
N VAL B 33 5.00 34.55 -7.45
CA VAL B 33 4.21 33.94 -6.38
C VAL B 33 3.04 34.87 -5.97
N ASP B 34 1.81 34.38 -6.06
CA ASP B 34 0.64 35.18 -5.75
C ASP B 34 0.29 35.13 -4.27
N VAL B 35 0.54 33.97 -3.66
CA VAL B 35 0.05 33.73 -2.30
C VAL B 35 1.11 32.95 -1.53
N VAL B 36 1.28 33.30 -0.25
CA VAL B 36 2.21 32.64 0.64
C VAL B 36 1.47 31.70 1.58
N PHE B 37 1.84 30.42 1.56
CA PHE B 37 1.21 29.38 2.40
C PHE B 37 2.23 29.03 3.46
N VAL B 38 1.98 29.44 4.70
CA VAL B 38 3.00 29.26 5.75
C VAL B 38 2.79 28.02 6.61
N ALA B 39 3.89 27.37 6.99
CA ALA B 39 3.85 26.19 7.86
C ALA B 39 3.17 24.96 7.22
N GLY B 40 3.21 24.90 5.89
CA GLY B 40 2.88 23.67 5.18
C GLY B 40 3.99 22.63 5.36
N THR B 41 3.89 21.50 4.67
CA THR B 41 4.88 20.44 4.89
C THR B 41 6.27 20.91 4.48
N THR B 42 6.34 21.58 3.34
CA THR B 42 7.62 22.16 2.88
C THR B 42 8.19 23.19 3.89
N GLY B 43 7.29 23.84 4.63
CA GLY B 43 7.65 24.75 5.74
C GLY B 43 7.83 24.09 7.09
N LEU B 44 7.90 22.74 7.11
CA LEU B 44 8.17 21.98 8.35
C LEU B 44 7.12 22.19 9.43
N GLY B 45 5.88 22.47 9.03
CA GLY B 45 4.81 22.82 9.97
C GLY B 45 4.71 21.95 11.22
N PRO B 46 4.56 20.62 11.06
CA PRO B 46 4.46 19.74 12.23
C PRO B 46 5.68 19.76 13.16
N ALA B 47 6.82 20.26 12.69
CA ALA B 47 8.02 20.38 13.50
C ALA B 47 8.11 21.70 14.30
N LEU B 48 7.18 22.63 14.06
CA LEU B 48 7.28 24.01 14.62
C LEU B 48 6.51 24.15 15.91
N SER B 49 7.06 24.87 16.91
CA SER B 49 6.27 25.13 18.12
C SER B 49 5.15 26.12 17.79
N LEU B 50 4.17 26.20 18.67
CA LEU B 50 3.14 27.24 18.49
C LEU B 50 3.76 28.65 18.51
N GLN B 51 4.71 28.88 19.41
CA GLN B 51 5.45 30.16 19.43
C GLN B 51 6.07 30.44 18.07
N GLU B 52 6.76 29.44 17.51
CA GLU B 52 7.35 29.58 16.18
C GLU B 52 6.31 29.86 15.09
N LYS B 53 5.16 29.20 15.18
CA LYS B 53 4.13 29.38 14.13
C LYS B 53 3.55 30.80 14.23
N MET B 54 3.43 31.32 15.45
CA MET B 54 2.94 32.71 15.64
C MET B 54 3.94 33.71 15.08
N GLU B 55 5.22 33.46 15.31
CA GLU B 55 6.30 34.32 14.78
C GLU B 55 6.32 34.28 13.26
N LEU B 56 6.16 33.08 12.72
CA LEU B 56 6.13 32.89 11.28
C LEU B 56 4.90 33.60 10.68
N THR B 57 3.77 33.53 11.36
CA THR B 57 2.55 34.22 10.91
C THR B 57 2.81 35.74 10.86
N ASP B 58 3.39 36.29 11.93
CA ASP B 58 3.83 37.72 11.94
C ASP B 58 4.71 38.06 10.75
N ALA B 59 5.76 37.26 10.51
CA ALA B 59 6.70 37.57 9.44
C ALA B 59 6.10 37.44 8.05
N ALA B 60 5.27 36.41 7.83
CA ALA B 60 4.66 36.22 6.50
C ALA B 60 3.65 37.36 6.17
N THR B 61 2.81 37.73 7.13
CA THR B 61 1.80 38.79 6.88
C THR B 61 2.47 40.16 6.79
N SER B 62 3.63 40.31 7.43
CA SER B 62 4.40 41.52 7.21
C SER B 62 5.05 41.62 5.83
N ALA B 63 5.47 40.47 5.30
CA ALA B 63 6.25 40.43 4.05
C ALA B 63 5.39 40.22 2.81
N ALA B 64 4.14 39.81 3.00
CA ALA B 64 3.33 39.42 1.86
C ALA B 64 1.88 39.89 2.01
N ARG B 65 1.27 40.24 0.90
CA ARG B 65 -0.10 40.73 0.92
C ARG B 65 -1.13 39.59 1.12
N ARG B 66 -0.86 38.43 0.55
CA ARG B 66 -1.83 37.32 0.61
C ARG B 66 -1.19 36.09 1.29
N VAL B 67 -1.71 35.74 2.47
CA VAL B 67 -1.10 34.71 3.31
C VAL B 67 -2.21 33.73 3.78
N ILE B 68 -1.89 32.46 3.67
CA ILE B 68 -2.72 31.40 4.25
C ILE B 68 -1.82 30.70 5.27
N VAL B 69 -2.31 30.56 6.51
CA VAL B 69 -1.52 29.93 7.55
C VAL B 69 -2.07 28.51 7.79
N GLN B 70 -1.15 27.55 7.77
CA GLN B 70 -1.48 26.13 8.00
C GLN B 70 -1.39 25.89 9.49
N VAL B 71 -2.49 25.43 10.11
CA VAL B 71 -2.62 25.47 11.56
C VAL B 71 -2.59 24.12 12.29
N ALA B 72 -2.50 23.01 11.59
CA ALA B 72 -2.63 21.71 12.24
C ALA B 72 -1.75 21.56 13.46
N SER B 73 -2.28 20.88 14.46
CA SER B 73 -1.50 20.47 15.60
C SER B 73 -2.16 19.22 16.15
N LEU B 74 -1.37 18.34 16.78
CA LEU B 74 -1.90 17.19 17.50
C LEU B 74 -2.45 17.55 18.89
N ASN B 75 -2.38 18.83 19.25
CA ASN B 75 -3.18 19.40 20.32
C ASN B 75 -4.17 20.34 19.64
N ALA B 76 -5.42 19.90 19.46
CA ALA B 76 -6.41 20.70 18.73
C ALA B 76 -6.62 22.12 19.28
N ASP B 77 -6.45 22.32 20.57
CA ASP B 77 -6.56 23.66 21.14
C ASP B 77 -5.55 24.61 20.50
N GLU B 78 -4.38 24.10 20.18
CA GLU B 78 -3.33 24.88 19.49
C GLU B 78 -3.71 25.24 18.06
N ALA B 79 -4.40 24.35 17.34
CA ALA B 79 -4.89 24.67 15.99
C ALA B 79 -5.91 25.82 16.05
N ILE B 80 -6.87 25.69 16.96
CA ILE B 80 -7.85 26.75 17.19
C ILE B 80 -7.17 28.07 17.55
N ALA B 81 -6.25 28.05 18.52
CA ALA B 81 -5.54 29.30 18.93
C ALA B 81 -4.79 29.93 17.75
N LEU B 82 -4.00 29.13 17.01
CA LEU B 82 -3.29 29.69 15.86
C LEU B 82 -4.22 30.18 14.75
N ALA B 83 -5.32 29.48 14.53
CA ALA B 83 -6.28 29.95 13.50
C ALA B 83 -6.80 31.37 13.84
N LYS B 84 -7.17 31.58 15.11
CA LYS B 84 -7.65 32.89 15.61
C LYS B 84 -6.55 33.96 15.53
N TYR B 85 -5.34 33.58 15.91
CA TYR B 85 -4.17 34.44 15.77
C TYR B 85 -3.90 34.83 14.32
N ALA B 86 -3.92 33.84 13.43
CA ALA B 86 -3.74 34.11 12.01
C ALA B 86 -4.79 35.10 11.47
N GLU B 87 -6.04 34.86 11.79
CA GLU B 87 -7.12 35.77 11.38
C GLU B 87 -6.83 37.21 11.89
N SER B 88 -6.43 37.33 13.15
CA SER B 88 -6.10 38.62 13.77
C SER B 88 -4.93 39.35 13.06
N ARG B 89 -3.99 38.58 12.49
CA ARG B 89 -2.87 39.14 11.73
C ARG B 89 -3.17 39.34 10.27
N GLY B 90 -4.42 39.15 9.86
CA GLY B 90 -4.80 39.49 8.48
C GLY B 90 -4.62 38.40 7.46
N ALA B 91 -4.43 37.15 7.91
CA ALA B 91 -4.39 36.02 6.96
C ALA B 91 -5.67 36.02 6.14
N GLU B 92 -5.58 35.67 4.85
CA GLU B 92 -6.78 35.61 4.02
C GLU B 92 -7.56 34.31 4.25
N ALA B 93 -6.87 33.26 4.74
CA ALA B 93 -7.51 32.01 5.08
C ALA B 93 -6.56 31.21 5.98
N VAL B 94 -7.09 30.16 6.60
CA VAL B 94 -6.27 29.21 7.32
C VAL B 94 -6.53 27.85 6.67
N ALA B 95 -5.54 26.97 6.72
CA ALA B 95 -5.68 25.61 6.21
C ALA B 95 -5.30 24.67 7.31
N SER B 96 -5.80 23.43 7.24
CA SER B 96 -5.27 22.43 8.13
C SER B 96 -5.18 21.06 7.46
N LEU B 97 -4.09 20.38 7.73
CA LEU B 97 -4.04 18.94 7.59
C LEU B 97 -5.15 18.31 8.44
N PRO B 98 -5.63 17.12 8.02
CA PRO B 98 -6.48 16.34 8.93
C PRO B 98 -5.58 15.89 10.08
N PRO B 99 -6.17 15.49 11.22
CA PRO B 99 -5.40 14.87 12.27
C PRO B 99 -4.48 13.80 11.67
N TYR B 100 -3.19 13.85 11.99
CA TYR B 100 -2.23 12.92 11.39
C TYR B 100 -1.63 12.03 12.45
N TYR B 101 -0.66 11.25 12.05
CA TYR B 101 0.06 10.22 12.85
C TYR B 101 -0.84 9.05 13.32
N PHE B 102 -1.86 9.35 14.11
CA PHE B 102 -2.65 8.31 14.77
C PHE B 102 -3.47 7.53 13.76
N PRO B 103 -3.25 6.20 13.68
CA PRO B 103 -4.11 5.41 12.78
C PRO B 103 -5.54 5.24 13.35
N ARG B 104 -6.52 5.12 12.48
CA ARG B 104 -7.83 4.71 12.96
C ARG B 104 -8.50 5.63 14.00
N LEU B 105 -8.32 6.95 13.86
CA LEU B 105 -9.21 7.89 14.51
C LEU B 105 -10.60 7.69 13.89
N SER B 106 -11.66 8.06 14.59
CA SER B 106 -13.00 7.87 14.03
C SER B 106 -13.39 9.01 13.09
N GLU B 107 -14.39 8.75 12.23
CA GLU B 107 -14.96 9.84 11.43
C GLU B 107 -15.49 10.96 12.28
N ARG B 108 -16.10 10.65 13.43
CA ARG B 108 -16.59 11.74 14.29
C ARG B 108 -15.43 12.63 14.77
N GLN B 109 -14.31 12.01 15.16
CA GLN B 109 -13.17 12.80 15.66
C GLN B 109 -12.63 13.74 14.57
N ILE B 110 -12.46 13.20 13.36
CA ILE B 110 -11.99 14.02 12.24
C ILE B 110 -12.96 15.18 11.96
N ALA B 111 -14.26 14.88 11.91
CA ALA B 111 -15.26 15.90 11.59
C ALA B 111 -15.28 16.98 12.65
N LYS B 112 -15.21 16.58 13.92
CA LYS B 112 -15.20 17.55 15.02
C LYS B 112 -14.01 18.51 14.88
N TYR B 113 -12.83 17.96 14.63
CA TYR B 113 -11.62 18.77 14.46
C TYR B 113 -11.87 19.88 13.44
N PHE B 114 -12.31 19.51 12.24
CA PHE B 114 -12.51 20.53 11.19
C PHE B 114 -13.63 21.49 11.53
N ARG B 115 -14.72 20.98 12.09
CA ARG B 115 -15.84 21.85 12.39
C ARG B 115 -15.51 22.86 13.48
N ASP B 116 -14.70 22.44 14.45
CA ASP B 116 -14.25 23.36 15.49
C ASP B 116 -13.38 24.48 14.94
N LEU B 117 -12.52 24.17 13.96
CA LEU B 117 -11.74 25.21 13.27
C LEU B 117 -12.63 26.21 12.52
N CYS B 118 -13.60 25.70 11.76
CA CYS B 118 -14.51 26.58 11.02
C CYS B 118 -15.31 27.48 11.98
N SER B 119 -15.66 26.97 13.15
CA SER B 119 -16.40 27.80 14.09
C SER B 119 -15.49 28.80 14.84
N ALA B 120 -14.18 28.59 14.80
CA ALA B 120 -13.23 29.43 15.51
C ALA B 120 -12.95 30.77 14.81
N VAL B 121 -13.14 30.82 13.48
CA VAL B 121 -12.78 32.00 12.69
C VAL B 121 -13.84 32.35 11.64
N SER B 122 -13.80 33.58 11.14
CA SER B 122 -14.72 33.99 10.09
C SER B 122 -14.12 33.88 8.71
N ILE B 123 -12.80 33.85 8.62
CA ILE B 123 -12.17 33.73 7.31
C ILE B 123 -12.31 32.28 6.84
N PRO B 124 -12.16 32.03 5.55
CA PRO B 124 -12.25 30.67 4.98
C PRO B 124 -11.29 29.65 5.61
N VAL B 125 -11.75 28.41 5.75
CA VAL B 125 -10.91 27.30 6.21
C VAL B 125 -10.69 26.36 5.04
N PHE B 126 -9.43 26.08 4.76
CA PHE B 126 -9.07 25.19 3.67
C PHE B 126 -8.72 23.82 4.23
N LEU B 127 -9.13 22.76 3.53
CA LEU B 127 -8.56 21.44 3.74
C LEU B 127 -7.19 21.39 3.10
N TYR B 128 -6.20 20.95 3.86
CA TYR B 128 -4.89 20.62 3.30
C TYR B 128 -4.72 19.12 3.34
N ASN B 129 -4.89 18.49 2.18
CA ASN B 129 -4.92 17.03 2.10
C ASN B 129 -3.57 16.55 1.56
N TYR B 130 -2.97 15.58 2.24
CA TYR B 130 -1.66 15.08 1.89
C TYR B 130 -1.58 13.64 2.38
N PRO B 131 -2.33 12.73 1.73
CA PRO B 131 -2.46 11.35 2.27
C PRO B 131 -1.13 10.65 2.54
N ALA B 132 -0.11 10.87 1.72
CA ALA B 132 1.17 10.19 1.92
C ALA B 132 1.85 10.57 3.26
N ALA B 133 1.67 11.82 3.68
CA ALA B 133 2.27 12.25 4.92
C ALA B 133 1.31 12.07 6.10
N VAL B 134 0.01 12.32 5.88
CA VAL B 134 -0.98 12.30 6.95
C VAL B 134 -1.36 10.88 7.39
N GLY B 135 -1.39 9.96 6.41
CA GLY B 135 -1.77 8.57 6.66
C GLY B 135 -3.27 8.33 6.52
N ARG B 136 -4.02 9.36 6.13
CA ARG B 136 -5.45 9.23 5.77
C ARG B 136 -5.75 10.28 4.71
N ASP B 137 -6.86 10.06 4.01
CA ASP B 137 -7.35 10.93 2.96
C ASP B 137 -8.71 11.53 3.37
N VAL B 138 -8.90 12.83 3.14
CA VAL B 138 -10.24 13.42 3.23
C VAL B 138 -10.60 13.78 1.80
N ASP B 139 -11.35 12.89 1.12
CA ASP B 139 -11.67 13.08 -0.29
C ASP B 139 -12.75 14.10 -0.52
N ALA B 140 -13.04 14.36 -1.79
CA ALA B 140 -14.01 15.40 -2.14
C ALA B 140 -15.36 15.16 -1.47
N ARG B 141 -15.81 13.91 -1.46
CA ARG B 141 -17.10 13.60 -0.82
C ARG B 141 -17.08 13.93 0.66
N ALA B 142 -16.01 13.49 1.31
CA ALA B 142 -15.80 13.73 2.72
C ALA B 142 -15.69 15.22 3.03
N ALA B 143 -14.99 15.97 2.17
CA ALA B 143 -14.86 17.42 2.35
C ALA B 143 -16.19 18.17 2.23
N LYS B 144 -17.03 17.74 1.29
CA LYS B 144 -18.37 18.31 1.19
C LYS B 144 -19.17 18.10 2.46
N GLU B 145 -19.09 16.88 2.98
CA GLU B 145 -19.84 16.47 4.17
C GLU B 145 -19.44 17.23 5.45
N LEU B 146 -18.19 17.70 5.52
CA LEU B 146 -17.75 18.54 6.63
C LEU B 146 -18.64 19.76 6.72
N GLY B 147 -18.98 20.27 5.54
CA GLY B 147 -19.98 21.33 5.44
C GLY B 147 -19.50 22.74 5.64
N CYS B 148 -18.19 22.94 5.76
CA CYS B 148 -17.66 24.29 5.94
C CYS B 148 -16.33 24.59 5.19
N ILE B 149 -15.87 23.63 4.39
CA ILE B 149 -14.63 23.77 3.62
C ILE B 149 -14.76 24.72 2.43
N ARG B 150 -13.93 25.76 2.38
CA ARG B 150 -13.99 26.72 1.27
C ARG B 150 -12.75 26.73 0.33
N GLY B 151 -11.80 25.84 0.58
CA GLY B 151 -10.66 25.73 -0.28
C GLY B 151 -10.01 24.42 0.01
N VAL B 152 -9.27 23.91 -0.97
CA VAL B 152 -8.57 22.64 -0.80
C VAL B 152 -7.20 22.79 -1.38
N LYS B 153 -6.21 22.35 -0.64
CA LYS B 153 -4.92 22.11 -1.23
C LYS B 153 -4.61 20.61 -1.16
N ASP B 154 -4.40 19.98 -2.31
CA ASP B 154 -4.37 18.51 -2.42
C ASP B 154 -3.00 18.10 -2.92
N THR B 155 -2.14 17.68 -1.99
CA THR B 155 -0.75 17.34 -2.30
C THR B 155 -0.82 15.87 -2.64
N ASN B 156 -0.95 15.61 -3.93
CA ASN B 156 -1.50 14.35 -4.44
C ASN B 156 -1.13 14.19 -5.90
N GLU B 157 -0.60 13.03 -6.28
CA GLU B 157 -0.29 12.80 -7.70
C GLU B 157 -1.45 12.30 -8.53
N SER B 158 -2.56 12.00 -7.86
CA SER B 158 -3.81 11.73 -8.60
C SER B 158 -4.58 13.01 -8.90
N LEU B 159 -4.44 13.52 -10.13
CA LEU B 159 -5.07 14.77 -10.53
C LEU B 159 -6.61 14.70 -10.53
N ALA B 160 -7.15 13.53 -10.82
CA ALA B 160 -8.61 13.36 -10.77
C ALA B 160 -9.10 13.48 -9.34
N HIS B 161 -8.31 12.98 -8.39
CA HIS B 161 -8.68 13.14 -6.97
C HIS B 161 -8.83 14.63 -6.67
N THR B 162 -7.91 15.45 -7.20
CA THR B 162 -7.96 16.89 -6.96
C THR B 162 -9.14 17.54 -7.70
N LEU B 163 -9.31 17.15 -8.97
CA LEU B 163 -10.46 17.66 -9.73
C LEU B 163 -11.81 17.36 -9.08
N ALA B 164 -11.90 16.25 -8.36
CA ALA B 164 -13.17 15.86 -7.71
C ALA B 164 -13.60 16.89 -6.69
N TYR B 165 -12.66 17.61 -6.08
CA TYR B 165 -13.10 18.68 -5.17
C TYR B 165 -13.86 19.78 -5.92
N LYS B 166 -13.49 20.07 -7.17
CA LYS B 166 -14.23 21.08 -7.94
C LYS B 166 -15.64 20.60 -8.32
N ARG B 167 -15.77 19.30 -8.51
CA ARG B 167 -17.07 18.65 -8.76
C ARG B 167 -18.00 18.73 -7.54
N TYR B 168 -17.48 18.41 -6.36
CA TYR B 168 -18.32 18.39 -5.15
C TYR B 168 -18.38 19.73 -4.44
N LEU B 169 -17.36 20.57 -4.61
CA LEU B 169 -17.35 21.89 -4.02
C LEU B 169 -17.09 22.97 -5.08
N PRO B 170 -18.12 23.26 -5.91
CA PRO B 170 -17.94 24.13 -7.08
C PRO B 170 -17.55 25.57 -6.72
N GLN B 171 -17.85 25.99 -5.50
CA GLN B 171 -17.47 27.33 -5.07
C GLN B 171 -16.09 27.41 -4.39
N ALA B 172 -15.49 26.26 -4.10
CA ALA B 172 -14.21 26.19 -3.40
C ALA B 172 -13.07 26.52 -4.32
N ARG B 173 -12.03 27.14 -3.79
CA ARG B 173 -10.78 27.30 -4.53
C ARG B 173 -9.93 26.07 -4.35
N VAL B 174 -9.59 25.44 -5.46
CA VAL B 174 -8.95 24.14 -5.41
C VAL B 174 -7.58 24.16 -6.05
N TYR B 175 -6.58 23.74 -5.26
CA TYR B 175 -5.19 23.72 -5.70
C TYR B 175 -4.60 22.31 -5.62
N ASN B 176 -3.77 21.95 -6.60
CA ASN B 176 -3.02 20.72 -6.49
C ASN B 176 -1.63 21.03 -5.91
N GLY B 177 -1.12 20.14 -5.06
CA GLY B 177 0.16 20.38 -4.35
C GLY B 177 1.36 19.64 -4.92
N SER B 178 1.21 18.95 -6.05
CA SER B 178 2.35 18.17 -6.60
C SER B 178 3.20 18.93 -7.64
N ASP B 179 4.52 18.98 -7.44
CA ASP B 179 5.40 19.65 -8.40
C ASP B 179 5.27 19.06 -9.81
N SER B 180 4.99 17.76 -9.87
CA SER B 180 4.98 17.06 -11.14
C SER B 180 3.68 17.39 -11.91
N LEU B 181 2.77 18.15 -11.27
CA LEU B 181 1.47 18.45 -11.87
C LEU B 181 1.19 19.95 -12.08
N VAL B 182 2.22 20.78 -12.05
CA VAL B 182 2.00 22.21 -12.27
C VAL B 182 1.38 22.50 -13.68
N PHE B 183 2.05 22.02 -14.71
CA PHE B 183 1.55 22.10 -16.09
C PHE B 183 0.09 21.57 -16.18
N ALA B 184 -0.11 20.33 -15.74
CA ALA B 184 -1.45 19.70 -15.76
C ALA B 184 -2.51 20.51 -15.02
N SER B 185 -2.16 21.02 -13.83
CA SER B 185 -3.13 21.85 -13.08
C SER B 185 -3.62 23.07 -13.86
N PHE B 186 -2.68 23.78 -14.47
CA PHE B 186 -3.08 24.92 -15.29
C PHE B 186 -3.89 24.51 -16.52
N ALA B 187 -3.48 23.40 -17.15
CA ALA B 187 -4.16 22.90 -18.36
C ALA B 187 -5.61 22.49 -18.08
N VAL B 188 -5.90 21.93 -16.89
CA VAL B 188 -7.30 21.55 -16.57
C VAL B 188 -8.05 22.67 -15.85
N ARG B 189 -7.35 23.76 -15.59
CA ARG B 189 -7.92 24.94 -14.94
C ARG B 189 -8.42 24.70 -13.50
N LEU B 190 -7.53 24.11 -12.71
CA LEU B 190 -7.68 24.19 -11.26
C LEU B 190 -7.52 25.67 -10.92
N ASP B 191 -7.78 26.05 -9.68
CA ASP B 191 -7.67 27.45 -9.28
C ASP B 191 -6.22 27.88 -9.14
N GLY B 192 -5.33 26.89 -9.12
CA GLY B 192 -3.90 27.15 -9.07
C GLY B 192 -3.12 25.97 -8.54
N VAL B 193 -1.85 26.23 -8.19
CA VAL B 193 -0.95 25.20 -7.68
C VAL B 193 -0.29 25.68 -6.38
N VAL B 194 0.00 24.75 -5.48
CA VAL B 194 0.79 25.04 -4.29
C VAL B 194 1.96 24.08 -4.31
N ALA B 195 2.98 24.41 -5.07
CA ALA B 195 4.07 23.50 -5.34
C ALA B 195 5.32 23.97 -4.60
N SER B 196 6.06 23.02 -4.03
CA SER B 196 7.25 23.37 -3.25
C SER B 196 8.27 24.14 -4.09
N SER B 197 8.32 23.83 -5.39
CA SER B 197 9.29 24.46 -6.30
C SER B 197 9.04 25.95 -6.51
N ALA B 198 7.90 26.48 -6.04
CA ALA B 198 7.72 27.96 -5.99
C ALA B 198 8.80 28.63 -5.11
N ASN B 199 9.41 27.89 -4.21
CA ASN B 199 10.52 28.40 -3.42
C ASN B 199 11.75 28.67 -4.27
N TYR B 200 12.07 27.75 -5.19
CA TYR B 200 13.38 27.82 -5.83
C TYR B 200 13.34 28.16 -7.27
N LEU B 201 12.19 27.94 -7.92
CA LEU B 201 12.03 28.30 -9.34
C LEU B 201 10.67 28.93 -9.65
N PRO B 202 10.30 30.00 -8.91
CA PRO B 202 8.95 30.54 -9.15
C PRO B 202 8.80 31.07 -10.58
N GLU B 203 9.90 31.58 -11.15
CA GLU B 203 9.88 32.06 -12.55
C GLU B 203 9.59 30.92 -13.57
N LEU B 204 10.04 29.71 -13.24
CA LEU B 204 9.74 28.55 -14.07
C LEU B 204 8.25 28.19 -14.02
N LEU B 205 7.65 28.23 -12.83
CA LEU B 205 6.19 28.04 -12.69
C LEU B 205 5.38 29.12 -13.41
N ALA B 206 5.78 30.39 -13.27
CA ALA B 206 5.12 31.46 -14.03
C ALA B 206 5.28 31.22 -15.54
N GLY B 207 6.43 30.73 -15.95
CA GLY B 207 6.65 30.40 -17.36
C GLY B 207 5.74 29.30 -17.87
N ILE B 208 5.54 28.26 -17.06
CA ILE B 208 4.57 27.23 -17.39
C ILE B 208 3.17 27.82 -17.51
N ARG B 209 2.76 28.60 -16.51
CA ARG B 209 1.44 29.24 -16.56
C ARG B 209 1.24 30.09 -17.84
N ASP B 210 2.26 30.88 -18.20
CA ASP B 210 2.23 31.73 -19.41
C ASP B 210 2.10 30.90 -20.68
N ALA B 211 2.86 29.80 -20.76
CA ALA B 211 2.83 28.94 -21.92
C ALA B 211 1.46 28.29 -22.09
N VAL B 212 0.87 27.82 -21.00
CA VAL B 212 -0.43 27.20 -21.12
C VAL B 212 -1.45 28.24 -21.59
N ALA B 213 -1.37 29.45 -21.03
CA ALA B 213 -2.30 30.52 -21.40
C ALA B 213 -2.15 30.94 -22.86
N ALA B 214 -0.95 30.75 -23.41
CA ALA B 214 -0.66 31.10 -24.80
C ALA B 214 -1.00 29.96 -25.75
N GLY B 215 -1.43 28.82 -25.21
CA GLY B 215 -1.65 27.64 -26.02
C GLY B 215 -0.35 27.00 -26.45
N ASP B 216 0.75 27.42 -25.82
CA ASP B 216 2.04 26.81 -26.13
C ASP B 216 2.30 25.55 -25.29
N ILE B 217 1.48 24.53 -25.55
CA ILE B 217 1.46 23.29 -24.75
C ILE B 217 2.81 22.57 -24.76
N GLU B 218 3.47 22.56 -25.90
CA GLU B 218 4.76 21.91 -25.99
C GLU B 218 5.82 22.61 -25.12
N ARG B 219 5.79 23.94 -25.07
CA ARG B 219 6.69 24.65 -24.15
C ARG B 219 6.36 24.34 -22.67
N ALA B 220 5.08 24.47 -22.30
CA ALA B 220 4.66 24.21 -20.91
C ALA B 220 5.16 22.86 -20.48
N ARG B 221 4.97 21.86 -21.33
CA ARG B 221 5.41 20.49 -21.04
C ARG B 221 6.92 20.31 -20.90
N SER B 222 7.68 20.94 -21.78
CA SER B 222 9.12 20.79 -21.71
C SER B 222 9.70 21.52 -20.47
N LEU B 223 9.09 22.64 -20.09
CA LEU B 223 9.42 23.29 -18.83
C LEU B 223 9.09 22.39 -17.60
N GLN B 224 7.91 21.76 -17.62
CA GLN B 224 7.54 20.77 -16.59
C GLN B 224 8.57 19.66 -16.47
N PHE B 225 9.03 19.16 -17.61
CA PHE B 225 9.95 18.04 -17.61
C PHE B 225 11.31 18.43 -17.06
N LEU B 226 11.71 19.67 -17.31
CA LEU B 226 12.94 20.19 -16.73
C LEU B 226 12.81 20.23 -15.21
N LEU B 227 11.68 20.73 -14.73
CA LEU B 227 11.42 20.73 -13.28
C LEU B 227 11.42 19.30 -12.71
N ASP B 228 10.79 18.35 -13.43
CA ASP B 228 10.76 16.96 -12.94
C ASP B 228 12.15 16.37 -12.74
N GLU B 229 13.10 16.67 -13.65
CA GLU B 229 14.48 16.18 -13.52
C GLU B 229 15.09 16.77 -12.26
N ILE B 230 14.83 18.03 -12.00
CA ILE B 230 15.35 18.66 -10.76
C ILE B 230 14.75 18.06 -9.46
N VAL B 231 13.44 17.91 -9.44
CA VAL B 231 12.75 17.29 -8.28
C VAL B 231 13.29 15.87 -8.02
N GLU B 232 13.47 15.10 -9.09
CA GLU B 232 14.08 13.75 -9.00
C GLU B 232 15.41 13.72 -8.28
N SER B 233 16.33 14.63 -8.66
CA SER B 233 17.63 14.68 -8.00
C SER B 233 17.48 15.07 -6.55
N ALA B 234 16.65 16.08 -6.32
CA ALA B 234 16.43 16.52 -4.96
C ALA B 234 15.87 15.39 -4.09
N ARG B 235 14.91 14.63 -4.61
CA ARG B 235 14.31 13.51 -3.88
C ARG B 235 15.32 12.43 -3.53
N HIS B 236 16.26 12.20 -4.45
CA HIS B 236 17.29 11.22 -4.22
C HIS B 236 18.06 11.51 -2.94
N ILE B 237 18.34 12.79 -2.69
CA ILE B 237 19.23 13.17 -1.60
C ILE B 237 18.50 13.49 -0.29
N GLY B 238 17.19 13.69 -0.36
CA GLY B 238 16.41 14.04 0.83
C GLY B 238 15.73 15.37 0.54
N TYR B 239 14.49 15.30 0.07
CA TYR B 239 13.87 16.45 -0.60
C TYR B 239 13.72 17.66 0.34
N ALA B 240 13.21 17.43 1.53
CA ALA B 240 12.87 18.56 2.43
C ALA B 240 14.10 19.45 2.73
N ALA B 241 15.27 18.83 2.94
CA ALA B 241 16.52 19.57 3.18
C ALA B 241 17.05 20.12 1.88
N ALA B 242 16.87 19.35 0.79
CA ALA B 242 17.33 19.77 -0.51
C ALA B 242 16.70 21.12 -1.02
N VAL B 243 15.45 21.38 -0.66
CA VAL B 243 14.75 22.61 -1.11
C VAL B 243 15.63 23.83 -0.77
N TYR B 244 16.24 23.82 0.41
CA TYR B 244 17.03 24.99 0.86
C TYR B 244 18.25 25.23 -0.03
N GLU B 245 18.95 24.15 -0.40
CA GLU B 245 20.09 24.26 -1.26
C GLU B 245 19.67 24.70 -2.66
N LEU B 246 18.51 24.24 -3.13
CA LEU B 246 18.02 24.67 -4.45
C LEU B 246 17.65 26.16 -4.46
N VAL B 247 17.09 26.64 -3.36
CA VAL B 247 16.80 28.07 -3.29
C VAL B 247 18.12 28.85 -3.52
N GLU B 248 19.17 28.45 -2.82
CA GLU B 248 20.41 29.19 -2.91
C GLU B 248 21.01 29.12 -4.33
N ILE B 249 20.96 27.92 -4.91
CA ILE B 249 21.53 27.66 -6.22
C ILE B 249 20.80 28.44 -7.33
N PHE B 250 19.46 28.48 -7.26
CA PHE B 250 18.68 29.07 -8.33
C PHE B 250 18.30 30.54 -8.10
N GLN B 251 18.23 30.97 -6.85
CA GLN B 251 17.79 32.34 -6.54
C GLN B 251 18.94 33.24 -6.06
N GLY B 252 20.06 32.65 -5.69
CA GLY B 252 21.27 33.41 -5.42
C GLY B 252 21.28 34.24 -4.13
N TYR B 253 20.75 33.69 -3.04
CA TYR B 253 20.90 34.29 -1.71
C TYR B 253 20.79 33.16 -0.70
N GLU B 254 21.10 33.46 0.55
CA GLU B 254 21.01 32.47 1.61
C GLU B 254 19.60 32.14 2.03
N ALA B 255 19.36 30.86 2.28
CA ALA B 255 18.03 30.35 2.58
C ALA B 255 17.86 29.79 3.98
N GLY B 256 18.92 29.89 4.81
CA GLY B 256 18.96 29.26 6.11
C GLY B 256 18.93 27.74 5.98
N GLU B 257 18.43 27.07 7.03
CA GLU B 257 18.52 25.63 7.23
C GLU B 257 17.20 25.10 7.77
N PRO B 258 16.92 23.80 7.55
CA PRO B 258 15.83 23.13 8.31
C PRO B 258 16.36 22.75 9.69
N ARG B 259 15.61 21.96 10.46
CA ARG B 259 16.06 21.59 11.78
C ARG B 259 15.80 20.11 11.98
N GLY B 260 16.72 19.47 12.66
CA GLY B 260 16.58 18.03 12.85
C GLY B 260 15.37 17.56 13.63
N PRO B 261 14.65 16.56 13.08
CA PRO B 261 15.24 15.36 12.48
C PRO B 261 15.33 15.67 10.96
N VAL B 262 14.85 16.84 10.50
CA VAL B 262 15.10 17.24 9.09
C VAL B 262 16.45 17.96 9.02
N TYR B 263 17.52 17.22 9.28
CA TYR B 263 18.87 17.80 9.34
C TYR B 263 19.24 18.43 8.00
N PRO B 264 20.00 19.53 8.03
CA PRO B 264 20.51 20.14 6.81
C PRO B 264 21.36 19.15 6.05
N LEU B 265 21.40 19.28 4.73
CA LEU B 265 22.31 18.47 3.92
C LEU B 265 23.75 18.73 4.33
N ASP B 266 24.60 17.71 4.24
CA ASP B 266 26.02 17.90 4.50
C ASP B 266 26.76 18.35 3.21
N PRO B 267 28.04 18.74 3.31
CA PRO B 267 28.78 19.25 2.16
C PRO B 267 28.78 18.33 0.95
N GLU B 268 28.93 17.03 1.19
CA GLU B 268 28.97 16.05 0.12
C GLU B 268 27.63 15.92 -0.61
N GLU B 269 26.52 15.91 0.15
CA GLU B 269 25.17 15.91 -0.42
C GLU B 269 24.89 17.18 -1.25
N LYS B 270 25.28 18.33 -0.72
CA LYS B 270 25.11 19.57 -1.49
C LYS B 270 25.92 19.58 -2.79
N ALA B 271 27.17 19.12 -2.72
CA ALA B 271 28.00 19.07 -3.93
C ALA B 271 27.36 18.15 -4.94
N TRP B 272 26.87 17.01 -4.47
CA TRP B 272 26.20 16.05 -5.35
C TRP B 272 24.98 16.70 -6.01
N LEU B 273 24.15 17.37 -5.23
CA LEU B 273 22.93 17.98 -5.78
C LEU B 273 23.29 19.06 -6.82
N ARG B 274 24.27 19.90 -6.51
CA ARG B 274 24.70 20.91 -7.48
C ARG B 274 25.09 20.28 -8.81
N ALA B 275 25.90 19.22 -8.78
CA ALA B 275 26.30 18.56 -10.04
C ALA B 275 25.10 17.96 -10.75
N ALA B 276 24.16 17.43 -9.97
CA ALA B 276 23.01 16.73 -10.54
C ALA B 276 22.07 17.63 -11.29
N VAL B 277 21.87 18.85 -10.78
CA VAL B 277 20.88 19.74 -11.40
C VAL B 277 21.49 20.61 -12.51
N ALA B 278 22.81 20.70 -12.55
CA ALA B 278 23.45 21.63 -13.47
C ALA B 278 22.97 21.50 -14.93
N LYS B 279 22.90 20.28 -15.43
CA LYS B 279 22.39 20.07 -16.82
C LYS B 279 20.99 20.66 -17.07
N ALA B 280 19.98 20.07 -16.41
CA ALA B 280 18.60 20.56 -16.50
C ALA B 280 18.47 22.09 -16.37
N LYS B 281 19.10 22.67 -15.35
CA LYS B 281 19.08 24.12 -15.14
C LYS B 281 19.51 24.91 -16.42
N SER B 282 20.58 24.44 -17.08
CA SER B 282 21.10 25.11 -18.29
C SER B 282 20.11 25.08 -19.44
N GLN B 283 19.32 24.01 -19.49
CA GLN B 283 18.35 23.83 -20.58
C GLN B 283 17.13 24.73 -20.39
N LEU B 284 17.15 25.47 -19.28
CA LEU B 284 16.10 26.43 -18.98
C LEU B 284 16.36 27.72 -19.75
N ARG B 285 15.35 28.19 -20.46
CA ARG B 285 15.42 29.54 -21.02
C ARG B 285 14.11 30.31 -20.82
N LEU B 286 14.04 31.03 -19.71
CA LEU B 286 12.84 31.79 -19.36
C LEU B 286 12.96 33.23 -19.81
N MET C 1 -4.99 13.67 -31.52
CA MET C 1 -5.01 12.71 -30.37
C MET C 1 -6.10 11.65 -30.52
N GLU C 2 -5.74 10.42 -30.20
CA GLU C 2 -6.59 9.26 -30.49
C GLU C 2 -7.51 8.81 -29.35
N ILE C 3 -8.68 8.33 -29.71
CA ILE C 3 -9.51 7.58 -28.78
C ILE C 3 -9.28 6.09 -29.13
N VAL C 4 -8.73 5.34 -28.17
CA VAL C 4 -8.45 3.91 -28.36
C VAL C 4 -9.42 3.15 -27.43
N ALA C 5 -10.22 2.25 -28.00
CA ALA C 5 -11.13 1.44 -27.19
C ALA C 5 -10.51 0.12 -26.76
N PRO C 6 -10.44 -0.13 -25.43
CA PRO C 6 -10.06 -1.47 -24.95
C PRO C 6 -11.39 -2.22 -24.97
N VAL C 7 -11.65 -2.88 -26.09
CA VAL C 7 -12.97 -3.38 -26.38
C VAL C 7 -13.31 -4.60 -25.53
N ILE C 8 -14.57 -4.70 -25.13
CA ILE C 8 -15.05 -5.86 -24.39
C ILE C 8 -15.03 -7.12 -25.28
N THR C 9 -14.85 -8.27 -24.62
CA THR C 9 -14.89 -9.58 -25.28
C THR C 9 -16.30 -10.13 -25.07
N THR C 10 -17.07 -10.22 -26.16
CA THR C 10 -18.48 -10.54 -26.07
C THR C 10 -18.73 -12.06 -26.04
N PHE C 11 -19.07 -12.58 -24.87
CA PHE C 11 -19.47 -13.98 -24.77
C PHE C 11 -20.98 -14.09 -24.87
N ARG C 12 -21.46 -15.24 -25.35
CA ARG C 12 -22.88 -15.51 -25.40
C ARG C 12 -22.99 -17.02 -25.38
N GLY C 13 -23.81 -17.57 -24.50
CA GLY C 13 -23.68 -18.98 -24.17
C GLY C 13 -22.46 -19.03 -23.26
N GLY C 14 -21.58 -20.00 -23.44
CA GLY C 14 -20.41 -20.07 -22.57
C GLY C 14 -19.20 -19.64 -23.34
N ARG C 15 -19.42 -19.14 -24.54
CA ARG C 15 -18.32 -18.99 -25.46
C ARG C 15 -18.33 -17.71 -26.27
N LEU C 16 -17.14 -17.38 -26.74
CA LEU C 16 -16.90 -16.16 -27.48
C LEU C 16 -17.80 -16.09 -28.69
N ASP C 17 -18.51 -14.97 -28.83
CA ASP C 17 -19.39 -14.73 -29.96
C ASP C 17 -18.71 -13.65 -30.83
N PRO C 18 -17.90 -14.08 -31.82
CA PRO C 18 -17.13 -13.16 -32.68
C PRO C 18 -18.00 -12.23 -33.52
N GLU C 19 -19.26 -12.59 -33.73
CA GLU C 19 -20.17 -11.76 -34.51
C GLU C 19 -20.62 -10.56 -33.73
N LEU C 20 -20.98 -10.80 -32.47
CA LEU C 20 -21.42 -9.72 -31.59
C LEU C 20 -20.26 -8.73 -31.48
N PHE C 21 -19.04 -9.26 -31.36
CA PHE C 21 -17.82 -8.47 -31.21
C PHE C 21 -17.58 -7.55 -32.41
N ALA C 22 -17.64 -8.15 -33.62
CA ALA C 22 -17.51 -7.39 -34.86
C ALA C 22 -18.51 -6.25 -34.97
N ASN C 23 -19.78 -6.52 -34.69
CA ASN C 23 -20.82 -5.49 -34.67
C ASN C 23 -20.51 -4.32 -33.70
N HIS C 24 -20.04 -4.68 -32.51
CA HIS C 24 -19.76 -3.66 -31.49
C HIS C 24 -18.57 -2.83 -31.97
N VAL C 25 -17.53 -3.49 -32.49
CA VAL C 25 -16.36 -2.81 -33.04
C VAL C 25 -16.76 -1.83 -34.15
N LYS C 26 -17.64 -2.28 -35.04
CA LYS C 26 -18.15 -1.42 -36.12
C LYS C 26 -18.93 -0.21 -35.62
N ASN C 27 -19.81 -0.39 -34.65
CA ASN C 27 -20.55 0.76 -34.15
C ASN C 27 -19.67 1.83 -33.47
N ILE C 28 -18.77 1.41 -32.58
CA ILE C 28 -18.00 2.40 -31.83
C ILE C 28 -16.95 3.08 -32.70
N THR C 29 -16.39 2.35 -33.67
CA THR C 29 -15.46 2.98 -34.64
C THR C 29 -16.17 4.01 -35.53
N SER C 30 -17.50 3.95 -35.60
CA SER C 30 -18.28 4.89 -36.39
C SER C 30 -18.68 6.07 -35.54
N LYS C 31 -18.37 5.99 -34.25
CA LYS C 31 -18.74 7.02 -33.31
C LYS C 31 -17.54 7.71 -32.68
N GLY C 32 -16.36 7.52 -33.26
CA GLY C 32 -15.21 8.27 -32.79
C GLY C 32 -14.03 7.45 -32.32
N VAL C 33 -14.21 6.14 -32.17
CA VAL C 33 -13.05 5.33 -31.82
C VAL C 33 -12.09 5.23 -32.99
N ASP C 34 -10.81 5.54 -32.74
CA ASP C 34 -9.79 5.58 -33.80
C ASP C 34 -9.07 4.27 -33.93
N VAL C 35 -8.81 3.63 -32.79
CA VAL C 35 -8.02 2.41 -32.72
C VAL C 35 -8.75 1.38 -31.83
N VAL C 36 -8.71 0.11 -32.21
CA VAL C 36 -9.27 -0.93 -31.38
C VAL C 36 -8.16 -1.71 -30.66
N PHE C 37 -8.23 -1.77 -29.32
CA PHE C 37 -7.24 -2.46 -28.48
C PHE C 37 -7.89 -3.76 -27.99
N VAL C 38 -7.45 -4.89 -28.52
CA VAL C 38 -8.14 -6.18 -28.25
C VAL C 38 -7.50 -6.90 -27.09
N ALA C 39 -8.31 -7.53 -26.26
CA ALA C 39 -7.83 -8.37 -25.17
C ALA C 39 -7.06 -7.61 -24.08
N GLY C 40 -7.45 -6.35 -23.86
CA GLY C 40 -6.90 -5.64 -22.71
C GLY C 40 -7.68 -6.03 -21.45
N THR C 41 -7.46 -5.35 -20.32
CA THR C 41 -8.17 -5.75 -19.08
C THR C 41 -9.68 -5.65 -19.21
N THR C 42 -10.15 -4.58 -19.86
CA THR C 42 -11.58 -4.40 -20.12
C THR C 42 -12.11 -5.54 -21.03
N GLY C 43 -11.22 -6.11 -21.87
CA GLY C 43 -11.56 -7.29 -22.72
C GLY C 43 -11.27 -8.62 -22.04
N LEU C 44 -11.03 -8.58 -20.72
CA LEU C 44 -10.81 -9.79 -19.95
C LEU C 44 -9.57 -10.58 -20.41
N GLY C 45 -8.57 -9.87 -20.94
CA GLY C 45 -7.35 -10.51 -21.48
C GLY C 45 -6.81 -11.74 -20.77
N PRO C 46 -6.38 -11.58 -19.50
CA PRO C 46 -5.86 -12.71 -18.71
C PRO C 46 -6.79 -13.91 -18.51
N ALA C 47 -8.09 -13.75 -18.75
CA ALA C 47 -9.04 -14.84 -18.62
C ALA C 47 -9.25 -15.59 -19.97
N LEU C 48 -8.58 -15.15 -21.02
CA LEU C 48 -8.86 -15.70 -22.37
C LEU C 48 -7.81 -16.73 -22.75
N SER C 49 -8.22 -17.80 -23.46
CA SER C 49 -7.25 -18.77 -23.93
C SER C 49 -6.51 -18.16 -25.12
N LEU C 50 -5.37 -18.74 -25.49
CA LEU C 50 -4.76 -18.35 -26.77
C LEU C 50 -5.76 -18.35 -27.92
N GLN C 51 -6.60 -19.38 -28.00
CA GLN C 51 -7.55 -19.52 -29.10
C GLN C 51 -8.52 -18.36 -29.11
N GLU C 52 -9.01 -17.99 -27.93
CA GLU C 52 -9.93 -16.83 -27.87
C GLU C 52 -9.28 -15.53 -28.32
N LYS C 53 -8.02 -15.33 -27.95
CA LYS C 53 -7.31 -14.12 -28.34
C LYS C 53 -7.01 -14.11 -29.86
N MET C 54 -6.68 -15.28 -30.41
CA MET C 54 -6.52 -15.39 -31.89
C MET C 54 -7.78 -15.04 -32.59
N GLU C 55 -8.88 -15.54 -32.05
CA GLU C 55 -10.18 -15.27 -32.62
C GLU C 55 -10.56 -13.80 -32.57
N LEU C 56 -10.19 -13.14 -31.46
CA LEU C 56 -10.42 -11.71 -31.34
C LEU C 56 -9.56 -10.99 -32.37
N THR C 57 -8.35 -11.48 -32.58
CA THR C 57 -7.44 -10.84 -33.53
C THR C 57 -8.03 -10.81 -34.95
N ASP C 58 -8.56 -11.96 -35.37
CA ASP C 58 -9.18 -12.11 -36.68
C ASP C 58 -10.38 -11.20 -36.78
N ALA C 59 -11.26 -11.28 -35.77
CA ALA C 59 -12.48 -10.52 -35.86
C ALA C 59 -12.23 -9.01 -35.85
N ALA C 60 -11.27 -8.55 -35.05
CA ALA C 60 -11.00 -7.12 -34.91
C ALA C 60 -10.34 -6.55 -36.19
N THR C 61 -9.34 -7.27 -36.69
CA THR C 61 -8.64 -6.84 -37.93
C THR C 61 -9.60 -6.83 -39.14
N SER C 62 -10.61 -7.69 -39.13
CA SER C 62 -11.61 -7.68 -40.19
C SER C 62 -12.66 -6.58 -40.02
N ALA C 63 -12.83 -6.07 -38.81
CA ALA C 63 -13.89 -5.09 -38.59
C ALA C 63 -13.34 -3.69 -38.40
N ALA C 64 -12.03 -3.57 -38.23
CA ALA C 64 -11.43 -2.26 -38.02
C ALA C 64 -10.11 -2.10 -38.75
N ARG C 65 -9.83 -0.85 -39.15
CA ARG C 65 -8.58 -0.53 -39.82
C ARG C 65 -7.35 -0.45 -38.93
N ARG C 66 -7.54 -0.02 -37.68
CA ARG C 66 -6.40 0.16 -36.77
C ARG C 66 -6.63 -0.68 -35.51
N VAL C 67 -5.77 -1.67 -35.30
CA VAL C 67 -5.98 -2.67 -34.27
C VAL C 67 -4.64 -2.88 -33.60
N ILE C 68 -4.66 -2.83 -32.26
CA ILE C 68 -3.53 -3.24 -31.45
C ILE C 68 -3.98 -4.47 -30.64
N VAL C 69 -3.14 -5.51 -30.61
CA VAL C 69 -3.52 -6.73 -29.89
C VAL C 69 -2.68 -6.86 -28.63
N GLN C 70 -3.35 -7.06 -27.49
CA GLN C 70 -2.68 -7.30 -26.21
C GLN C 70 -2.42 -8.79 -26.07
N VAL C 71 -1.18 -9.17 -25.76
CA VAL C 71 -0.73 -10.57 -25.93
C VAL C 71 -0.21 -11.26 -24.68
N ALA C 72 -0.21 -10.58 -23.53
CA ALA C 72 0.35 -11.13 -22.30
C ALA C 72 -0.18 -12.53 -21.99
N SER C 73 0.71 -13.41 -21.53
CA SER C 73 0.33 -14.73 -21.04
C SER C 73 1.34 -15.12 -20.01
N LEU C 74 0.92 -15.93 -19.04
CA LEU C 74 1.88 -16.47 -18.07
C LEU C 74 2.61 -17.73 -18.61
N ASN C 75 2.35 -18.06 -19.86
CA ASN C 75 3.29 -18.88 -20.66
C ASN C 75 3.85 -17.95 -21.73
N ALA C 76 5.08 -17.46 -21.56
CA ALA C 76 5.63 -16.49 -22.52
C ALA C 76 5.63 -16.94 -23.99
N ASP C 77 5.58 -18.25 -24.24
CA ASP C 77 5.55 -18.74 -25.65
C ASP C 77 4.24 -18.41 -26.32
N GLU C 78 3.14 -18.42 -25.57
CA GLU C 78 1.85 -17.99 -26.13
C GLU C 78 1.83 -16.48 -26.48
N ALA C 79 2.53 -15.65 -25.68
CA ALA C 79 2.68 -14.22 -26.00
C ALA C 79 3.48 -14.03 -27.28
N ILE C 80 4.60 -14.72 -27.39
CA ILE C 80 5.40 -14.62 -28.63
C ILE C 80 4.57 -15.11 -29.81
N ALA C 81 3.94 -16.28 -29.64
CA ALA C 81 3.12 -16.84 -30.70
C ALA C 81 2.00 -15.92 -31.14
N LEU C 82 1.28 -15.35 -30.18
CA LEU C 82 0.18 -14.46 -30.54
C LEU C 82 0.67 -13.14 -31.17
N ALA C 83 1.77 -12.58 -30.67
CA ALA C 83 2.34 -11.37 -31.27
C ALA C 83 2.63 -11.61 -32.77
N LYS C 84 3.33 -12.68 -33.08
CA LYS C 84 3.55 -13.06 -34.50
C LYS C 84 2.26 -13.20 -35.25
N TYR C 85 1.26 -13.85 -34.66
CA TYR C 85 -0.04 -14.01 -35.31
C TYR C 85 -0.71 -12.68 -35.58
N ALA C 86 -0.65 -11.77 -34.61
CA ALA C 86 -1.30 -10.47 -34.80
C ALA C 86 -0.62 -9.67 -35.93
N GLU C 87 0.70 -9.64 -35.92
CA GLU C 87 1.45 -9.00 -37.00
C GLU C 87 0.96 -9.55 -38.36
N SER C 88 0.95 -10.87 -38.48
CA SER C 88 0.50 -11.56 -39.71
C SER C 88 -0.89 -11.21 -40.14
N ARG C 89 -1.73 -10.72 -39.21
CA ARG C 89 -3.13 -10.39 -39.54
C ARG C 89 -3.31 -8.91 -39.80
N GLY C 90 -2.23 -8.15 -39.75
CA GLY C 90 -2.32 -6.74 -40.07
C GLY C 90 -2.48 -5.81 -38.88
N ALA C 91 -2.19 -6.31 -37.67
CA ALA C 91 -2.22 -5.43 -36.49
C ALA C 91 -1.17 -4.37 -36.64
N GLU C 92 -1.48 -3.16 -36.20
CA GLU C 92 -0.51 -2.09 -36.34
C GLU C 92 0.50 -2.12 -35.21
N ALA C 93 0.15 -2.79 -34.12
CA ALA C 93 1.06 -2.95 -33.01
C ALA C 93 0.57 -4.07 -32.10
N VAL C 94 1.45 -4.54 -31.22
CA VAL C 94 1.02 -5.42 -30.13
C VAL C 94 1.40 -4.72 -28.82
N ALA C 95 0.68 -5.06 -27.74
CA ALA C 95 1.01 -4.53 -26.42
C ALA C 95 1.09 -5.71 -25.44
N SER C 96 1.84 -5.56 -24.35
CA SER C 96 1.78 -6.54 -23.30
C SER C 96 1.81 -5.93 -21.90
N LEU C 97 0.93 -6.43 -21.04
CA LEU C 97 1.13 -6.35 -19.60
C LEU C 97 2.50 -6.89 -19.29
N PRO C 98 3.16 -6.33 -18.26
CA PRO C 98 4.30 -7.06 -17.76
C PRO C 98 3.83 -8.36 -17.12
N PRO C 99 4.76 -9.32 -16.91
CA PRO C 99 4.40 -10.55 -16.20
C PRO C 99 3.65 -10.20 -14.89
N TYR C 100 2.46 -10.78 -14.73
CA TYR C 100 1.57 -10.52 -13.60
C TYR C 100 1.44 -11.73 -12.66
N TYR C 101 0.59 -11.56 -11.65
CA TYR C 101 0.37 -12.54 -10.55
C TYR C 101 1.54 -12.78 -9.62
N PHE C 102 2.62 -13.35 -10.16
CA PHE C 102 3.79 -13.76 -9.39
C PHE C 102 4.51 -12.59 -8.77
N PRO C 103 4.60 -12.57 -7.44
CA PRO C 103 5.27 -11.45 -6.75
C PRO C 103 6.79 -11.49 -6.84
N ARG C 104 7.39 -12.67 -6.87
CA ARG C 104 8.84 -12.74 -6.68
C ARG C 104 9.59 -12.93 -7.99
N LEU C 105 9.51 -11.89 -8.86
CA LEU C 105 10.14 -11.92 -10.18
C LEU C 105 11.25 -10.91 -10.22
N SER C 106 12.31 -11.22 -10.96
CA SER C 106 13.52 -10.39 -10.98
C SER C 106 13.44 -9.39 -12.14
N GLU C 107 14.19 -8.30 -12.05
CA GLU C 107 14.28 -7.35 -13.16
C GLU C 107 14.73 -8.02 -14.46
N ARG C 108 15.63 -8.99 -14.34
CA ARG C 108 16.12 -9.72 -15.49
C ARG C 108 15.03 -10.53 -16.17
N GLN C 109 14.15 -11.15 -15.39
CA GLN C 109 13.05 -11.92 -15.99
C GLN C 109 12.09 -11.01 -16.72
N ILE C 110 11.77 -9.87 -16.12
CA ILE C 110 10.88 -8.91 -16.77
C ILE C 110 11.48 -8.35 -18.06
N ALA C 111 12.75 -7.97 -18.02
CA ALA C 111 13.42 -7.46 -19.25
C ALA C 111 13.47 -8.50 -20.36
N LYS C 112 13.86 -9.73 -20.01
CA LYS C 112 13.88 -10.82 -20.98
C LYS C 112 12.52 -11.02 -21.64
N TYR C 113 11.44 -10.94 -20.87
CA TYR C 113 10.10 -11.10 -21.46
C TYR C 113 9.79 -10.03 -22.50
N PHE C 114 10.07 -8.77 -22.16
CA PHE C 114 9.78 -7.72 -23.17
C PHE C 114 10.73 -7.76 -24.38
N ARG C 115 12.00 -8.07 -24.14
CA ARG C 115 12.97 -8.09 -25.25
C ARG C 115 12.66 -9.25 -26.21
N ASP C 116 12.28 -10.41 -25.68
CA ASP C 116 11.89 -11.53 -26.54
C ASP C 116 10.69 -11.18 -27.35
N LEU C 117 9.81 -10.37 -26.80
CA LEU C 117 8.60 -9.94 -27.52
C LEU C 117 8.98 -9.04 -28.69
N CYS C 118 9.88 -8.09 -28.41
CA CYS C 118 10.36 -7.12 -29.39
C CYS C 118 11.09 -7.83 -30.55
N SER C 119 11.89 -8.84 -30.24
CA SER C 119 12.56 -9.68 -31.27
C SER C 119 11.62 -10.46 -32.15
N ALA C 120 10.43 -10.77 -31.65
CA ALA C 120 9.52 -11.67 -32.35
C ALA C 120 8.78 -11.01 -33.49
N VAL C 121 8.65 -9.68 -33.44
CA VAL C 121 7.89 -8.97 -34.44
C VAL C 121 8.67 -7.76 -34.93
N SER C 122 8.24 -7.20 -36.05
CA SER C 122 8.85 -5.97 -36.56
C SER C 122 7.95 -4.76 -36.31
N ILE C 123 6.67 -5.02 -36.09
CA ILE C 123 5.78 -3.94 -35.66
C ILE C 123 6.09 -3.48 -34.24
N PRO C 124 5.63 -2.27 -33.88
CA PRO C 124 5.87 -1.69 -32.58
C PRO C 124 5.29 -2.57 -31.45
N VAL C 125 6.02 -2.60 -30.34
CA VAL C 125 5.57 -3.29 -29.15
C VAL C 125 5.31 -2.21 -28.11
N PHE C 126 4.09 -2.19 -27.57
CA PHE C 126 3.70 -1.28 -26.49
C PHE C 126 3.84 -1.95 -25.12
N LEU C 127 4.32 -1.19 -24.14
CA LEU C 127 4.10 -1.52 -22.75
C LEU C 127 2.63 -1.19 -22.36
N TYR C 128 1.94 -2.17 -21.79
CA TYR C 128 0.62 -1.96 -21.23
C TYR C 128 0.80 -2.07 -19.72
N ASN C 129 0.86 -0.90 -19.08
CA ASN C 129 1.18 -0.82 -17.66
C ASN C 129 -0.13 -0.65 -16.86
N TYR C 130 -0.31 -1.44 -15.82
CA TYR C 130 -1.57 -1.39 -15.05
C TYR C 130 -1.23 -1.94 -13.66
N PRO C 131 -0.54 -1.13 -12.83
CA PRO C 131 0.01 -1.67 -11.59
C PRO C 131 -1.02 -2.25 -10.61
N ALA C 132 -2.21 -1.66 -10.54
CA ALA C 132 -3.23 -2.16 -9.61
C ALA C 132 -3.64 -3.62 -9.95
N ALA C 133 -3.68 -3.98 -11.24
CA ALA C 133 -4.07 -5.34 -11.65
C ALA C 133 -2.82 -6.24 -11.74
N VAL C 134 -1.74 -5.71 -12.31
CA VAL C 134 -0.52 -6.52 -12.53
C VAL C 134 0.22 -6.85 -11.22
N GLY C 135 0.18 -5.95 -10.25
CA GLY C 135 0.95 -6.17 -9.02
C GLY C 135 2.38 -5.68 -9.09
N ARG C 136 2.75 -5.08 -10.21
CA ARG C 136 4.06 -4.46 -10.33
C ARG C 136 3.93 -3.32 -11.33
N ASP C 137 4.88 -2.39 -11.28
CA ASP C 137 4.93 -1.24 -12.18
C ASP C 137 6.19 -1.35 -13.06
N VAL C 138 6.04 -1.11 -14.36
CA VAL C 138 7.18 -0.82 -15.24
C VAL C 138 7.18 0.69 -15.56
N ASP C 139 7.91 1.47 -14.76
CA ASP C 139 7.85 2.94 -14.87
C ASP C 139 8.63 3.47 -16.07
N ALA C 140 8.63 4.78 -16.25
CA ALA C 140 9.21 5.36 -17.45
C ALA C 140 10.70 5.02 -17.55
N ARG C 141 11.42 5.10 -16.44
CA ARG C 141 12.86 4.85 -16.47
C ARG C 141 13.11 3.39 -16.83
N ALA C 142 12.29 2.50 -16.27
CA ALA C 142 12.42 1.06 -16.58
C ALA C 142 12.06 0.78 -18.01
N ALA C 143 11.05 1.46 -18.53
CA ALA C 143 10.63 1.24 -19.92
C ALA C 143 11.72 1.68 -20.90
N LYS C 144 12.37 2.81 -20.61
CA LYS C 144 13.48 3.24 -21.45
C LYS C 144 14.61 2.21 -21.43
N GLU C 145 14.94 1.74 -20.23
CA GLU C 145 16.01 0.76 -20.04
C GLU C 145 15.77 -0.55 -20.80
N LEU C 146 14.51 -0.93 -20.99
CA LEU C 146 14.19 -2.10 -21.80
C LEU C 146 14.72 -1.95 -23.21
N GLY C 147 14.67 -0.71 -23.71
CA GLY C 147 15.33 -0.35 -24.95
C GLY C 147 14.67 -0.74 -26.25
N CYS C 148 13.38 -1.08 -26.23
CA CYS C 148 12.68 -1.42 -27.47
C CYS C 148 11.20 -1.03 -27.43
N ILE C 149 10.81 -0.32 -26.37
CA ILE C 149 9.39 0.09 -26.24
C ILE C 149 9.04 1.29 -27.15
N ARG C 150 8.02 1.13 -27.99
CA ARG C 150 7.58 2.20 -28.89
C ARG C 150 6.22 2.83 -28.58
N GLY C 151 5.57 2.34 -27.53
CA GLY C 151 4.28 2.89 -27.13
C GLY C 151 4.04 2.48 -25.70
N VAL C 152 3.22 3.27 -24.99
CA VAL C 152 2.84 2.94 -23.64
C VAL C 152 1.34 3.21 -23.49
N LYS C 153 0.66 2.28 -22.85
CA LYS C 153 -0.68 2.53 -22.37
C LYS C 153 -0.62 2.33 -20.86
N ASP C 154 -0.83 3.40 -20.11
CA ASP C 154 -0.65 3.41 -18.68
C ASP C 154 -2.06 3.58 -18.08
N THR C 155 -2.62 2.47 -17.57
CA THR C 155 -3.92 2.49 -16.88
C THR C 155 -3.59 2.77 -15.42
N ASN C 156 -3.75 4.04 -15.04
CA ASN C 156 -3.07 4.60 -13.87
C ASN C 156 -3.72 5.93 -13.50
N GLU C 157 -4.00 6.11 -12.20
CA GLU C 157 -4.59 7.37 -11.71
C GLU C 157 -3.55 8.49 -11.60
N SER C 158 -2.27 8.13 -11.66
CA SER C 158 -1.23 9.15 -11.63
C SER C 158 -0.90 9.67 -13.03
N LEU C 159 -1.43 10.83 -13.37
CA LEU C 159 -1.14 11.45 -14.67
C LEU C 159 0.34 11.76 -14.80
N ALA C 160 0.96 12.11 -13.69
CA ALA C 160 2.40 12.38 -13.65
C ALA C 160 3.19 11.14 -14.06
N HIS C 161 2.74 9.97 -13.60
CA HIS C 161 3.38 8.71 -13.96
C HIS C 161 3.33 8.50 -15.48
N THR C 162 2.17 8.78 -16.07
CA THR C 162 2.00 8.60 -17.51
C THR C 162 2.82 9.65 -18.29
N LEU C 163 2.78 10.90 -17.82
CA LEU C 163 3.57 11.93 -18.50
C LEU C 163 5.04 11.58 -18.50
N ALA C 164 5.53 10.94 -17.43
CA ALA C 164 6.95 10.56 -17.38
C ALA C 164 7.41 9.68 -18.55
N TYR C 165 6.51 8.87 -19.09
CA TYR C 165 6.87 8.09 -20.29
C TYR C 165 7.16 8.99 -21.47
N LYS C 166 6.46 10.11 -21.58
CA LYS C 166 6.74 10.99 -22.71
C LYS C 166 8.07 11.68 -22.51
N ARG C 167 8.45 11.90 -21.24
CA ARG C 167 9.75 12.49 -20.91
C ARG C 167 10.91 11.55 -21.25
N TYR C 168 10.77 10.30 -20.80
CA TYR C 168 11.83 9.34 -20.98
C TYR C 168 11.82 8.75 -22.37
N LEU C 169 10.66 8.77 -23.02
CA LEU C 169 10.51 8.15 -24.33
C LEU C 169 9.81 9.10 -25.33
N PRO C 170 10.53 10.17 -25.76
CA PRO C 170 9.98 11.23 -26.61
C PRO C 170 9.35 10.77 -27.92
N GLN C 171 9.80 9.67 -28.50
CA GLN C 171 9.21 9.22 -29.76
C GLN C 171 8.11 8.15 -29.62
N ALA C 172 7.85 7.68 -28.39
CA ALA C 172 6.75 6.73 -28.15
C ALA C 172 5.38 7.41 -28.17
N ARG C 173 4.37 6.68 -28.61
CA ARG C 173 2.98 7.09 -28.45
C ARG C 173 2.52 6.69 -27.04
N VAL C 174 2.15 7.69 -26.24
CA VAL C 174 1.81 7.45 -24.84
C VAL C 174 0.33 7.75 -24.61
N TYR C 175 -0.38 6.79 -23.98
CA TYR C 175 -1.81 6.88 -23.72
C TYR C 175 -2.08 6.66 -22.26
N ASN C 176 -3.03 7.41 -21.72
CA ASN C 176 -3.50 7.08 -20.37
C ASN C 176 -4.80 6.28 -20.44
N GLY C 177 -4.92 5.29 -19.56
CA GLY C 177 -6.07 4.38 -19.57
C GLY C 177 -7.12 4.57 -18.47
N SER C 178 -7.07 5.68 -17.75
CA SER C 178 -8.05 5.90 -16.69
C SER C 178 -9.24 6.71 -17.23
N ASP C 179 -10.47 6.26 -17.00
CA ASP C 179 -11.63 7.02 -17.47
C ASP C 179 -11.70 8.39 -16.80
N SER C 180 -11.18 8.49 -15.58
CA SER C 180 -11.23 9.73 -14.82
C SER C 180 -10.25 10.78 -15.38
N LEU C 181 -9.37 10.36 -16.28
CA LEU C 181 -8.35 11.28 -16.84
C LEU C 181 -8.48 11.54 -18.34
N VAL C 182 -9.65 11.32 -18.91
CA VAL C 182 -9.79 11.57 -20.37
C VAL C 182 -9.59 13.08 -20.67
N PHE C 183 -10.37 13.90 -19.99
CA PHE C 183 -10.22 15.35 -20.11
C PHE C 183 -8.77 15.79 -19.89
N ALA C 184 -8.19 15.38 -18.77
CA ALA C 184 -6.79 15.73 -18.45
C ALA C 184 -5.77 15.28 -19.48
N SER C 185 -5.92 14.06 -20.00
CA SER C 185 -5.01 13.53 -21.03
C SER C 185 -4.98 14.39 -22.31
N PHE C 186 -6.16 14.80 -22.76
CA PHE C 186 -6.24 15.66 -23.94
C PHE C 186 -5.69 17.06 -23.64
N ALA C 187 -5.95 17.57 -22.42
CA ALA C 187 -5.43 18.88 -22.01
C ALA C 187 -3.90 18.95 -21.96
N VAL C 188 -3.26 17.89 -21.48
CA VAL C 188 -1.80 17.86 -21.47
C VAL C 188 -1.20 17.30 -22.74
N ARG C 189 -2.06 17.00 -23.71
CA ARG C 189 -1.61 16.47 -25.02
C ARG C 189 -0.76 15.19 -24.95
N LEU C 190 -1.24 14.21 -24.19
CA LEU C 190 -0.79 12.84 -24.42
C LEU C 190 -1.18 12.50 -25.83
N ASP C 191 -0.71 11.36 -26.34
CA ASP C 191 -1.08 10.93 -27.67
C ASP C 191 -2.51 10.45 -27.79
N GLY C 192 -3.14 10.16 -26.66
CA GLY C 192 -4.54 9.77 -26.72
C GLY C 192 -4.95 9.11 -25.41
N VAL C 193 -6.13 8.50 -25.44
CA VAL C 193 -6.69 7.82 -24.27
C VAL C 193 -7.04 6.39 -24.64
N VAL C 194 -6.86 5.45 -23.71
CA VAL C 194 -7.37 4.09 -23.91
C VAL C 194 -8.32 3.77 -22.76
N ALA C 195 -9.46 4.42 -22.76
CA ALA C 195 -10.41 4.35 -21.66
C ALA C 195 -11.56 3.37 -21.94
N SER C 196 -11.90 2.56 -20.94
CA SER C 196 -12.99 1.61 -21.01
C SER C 196 -14.32 2.19 -21.55
N SER C 197 -14.65 3.44 -21.18
CA SER C 197 -15.87 4.08 -21.62
C SER C 197 -16.00 4.29 -23.13
N ALA C 198 -14.93 4.09 -23.89
CA ALA C 198 -15.03 4.13 -25.35
C ALA C 198 -15.95 3.02 -25.85
N ASN C 199 -16.18 1.98 -25.03
CA ASN C 199 -17.17 0.93 -25.35
C ASN C 199 -18.61 1.44 -25.35
N TYR C 200 -18.96 2.29 -24.39
CA TYR C 200 -20.35 2.61 -24.19
C TYR C 200 -20.67 4.08 -24.43
N LEU C 201 -19.68 4.96 -24.35
CA LEU C 201 -19.90 6.40 -24.62
C LEU C 201 -18.78 7.02 -25.45
N PRO C 202 -18.45 6.41 -26.61
CA PRO C 202 -17.38 6.96 -27.46
C PRO C 202 -17.70 8.41 -27.91
N GLU C 203 -18.99 8.72 -28.10
CA GLU C 203 -19.38 10.08 -28.47
C GLU C 203 -19.11 11.10 -27.33
N LEU C 204 -19.21 10.66 -26.07
CA LEU C 204 -18.83 11.53 -24.95
C LEU C 204 -17.32 11.79 -24.99
N LEU C 205 -16.52 10.74 -25.19
CA LEU C 205 -15.07 10.93 -25.31
C LEU C 205 -14.70 11.90 -26.45
N ALA C 206 -15.33 11.74 -27.61
CA ALA C 206 -15.12 12.69 -28.72
C ALA C 206 -15.57 14.12 -28.37
N GLY C 207 -16.68 14.26 -27.67
CA GLY C 207 -17.14 15.56 -27.19
C GLY C 207 -16.13 16.24 -26.26
N ILE C 208 -15.50 15.45 -25.39
CA ILE C 208 -14.46 15.98 -24.52
C ILE C 208 -13.26 16.41 -25.36
N ARG C 209 -12.87 15.57 -26.33
CA ARG C 209 -11.74 15.89 -27.19
C ARG C 209 -11.99 17.19 -27.99
N ASP C 210 -13.19 17.31 -28.57
CA ASP C 210 -13.63 18.53 -29.29
C ASP C 210 -13.63 19.76 -28.37
N ALA C 211 -14.15 19.62 -27.17
CA ALA C 211 -14.23 20.75 -26.24
C ALA C 211 -12.85 21.26 -25.84
N VAL C 212 -11.90 20.36 -25.60
CA VAL C 212 -10.53 20.76 -25.25
C VAL C 212 -9.87 21.50 -26.42
N ALA C 213 -10.06 20.97 -27.62
CA ALA C 213 -9.51 21.60 -28.83
C ALA C 213 -10.11 22.99 -29.10
N ALA C 214 -11.39 23.18 -28.77
CA ALA C 214 -12.05 24.47 -28.96
C ALA C 214 -11.71 25.45 -27.85
N GLY C 215 -11.03 24.96 -26.80
CA GLY C 215 -10.76 25.74 -25.60
C GLY C 215 -11.94 25.88 -24.66
N ASP C 216 -12.99 25.10 -24.87
CA ASP C 216 -14.14 25.12 -23.97
C ASP C 216 -13.83 24.15 -22.81
N ILE C 217 -12.91 24.57 -21.95
CA ILE C 217 -12.41 23.76 -20.84
C ILE C 217 -13.53 23.44 -19.86
N GLU C 218 -14.41 24.39 -19.66
CA GLU C 218 -15.57 24.22 -18.83
C GLU C 218 -16.58 23.15 -19.31
N ARG C 219 -16.82 23.05 -20.60
CA ARG C 219 -17.64 21.95 -21.14
C ARG C 219 -16.93 20.59 -21.03
N ALA C 220 -15.64 20.56 -21.39
CA ALA C 220 -14.79 19.36 -21.26
C ALA C 220 -14.84 18.78 -19.82
N ARG C 221 -14.68 19.66 -18.85
CA ARG C 221 -14.67 19.23 -17.46
C ARG C 221 -16.04 18.75 -17.03
N SER C 222 -17.06 19.47 -17.48
CA SER C 222 -18.43 19.10 -17.17
C SER C 222 -18.81 17.70 -17.72
N LEU C 223 -18.42 17.42 -18.96
CA LEU C 223 -18.60 16.10 -19.56
C LEU C 223 -17.76 15.02 -18.82
N GLN C 224 -16.52 15.36 -18.47
CA GLN C 224 -15.73 14.45 -17.65
C GLN C 224 -16.46 14.06 -16.36
N PHE C 225 -17.02 15.04 -15.64
CA PHE C 225 -17.73 14.75 -14.38
C PHE C 225 -18.98 13.88 -14.58
N LEU C 226 -19.73 14.10 -15.67
CA LEU C 226 -20.85 13.19 -15.98
C LEU C 226 -20.38 11.74 -16.17
N LEU C 227 -19.31 11.56 -16.95
CA LEU C 227 -18.64 10.26 -17.11
C LEU C 227 -18.21 9.68 -15.78
N ASP C 228 -17.62 10.51 -14.92
CA ASP C 228 -17.23 10.05 -13.57
C ASP C 228 -18.43 9.49 -12.78
N GLU C 229 -19.58 10.14 -12.85
CA GLU C 229 -20.74 9.66 -12.12
C GLU C 229 -21.19 8.28 -12.62
N ILE C 230 -21.13 8.11 -13.93
CA ILE C 230 -21.46 6.84 -14.55
C ILE C 230 -20.47 5.74 -14.13
N VAL C 231 -19.18 5.99 -14.25
CA VAL C 231 -18.15 5.05 -13.79
C VAL C 231 -18.35 4.67 -12.29
N GLU C 232 -18.56 5.67 -11.44
CA GLU C 232 -18.83 5.41 -10.04
C GLU C 232 -20.01 4.45 -9.77
N SER C 233 -21.13 4.65 -10.47
CA SER C 233 -22.28 3.69 -10.34
C SER C 233 -21.89 2.29 -10.80
N ALA C 234 -21.24 2.21 -11.95
CA ALA C 234 -20.76 0.92 -12.45
C ALA C 234 -19.81 0.21 -11.47
N ARG C 235 -18.97 0.98 -10.79
CA ARG C 235 -18.01 0.37 -9.88
C ARG C 235 -18.69 -0.23 -8.68
N HIS C 236 -19.80 0.38 -8.28
CA HIS C 236 -20.60 -0.20 -7.21
C HIS C 236 -21.05 -1.66 -7.40
N ILE C 237 -21.49 -2.03 -8.62
CA ILE C 237 -22.01 -3.38 -8.79
C ILE C 237 -21.05 -4.35 -9.41
N GLY C 238 -19.85 -3.90 -9.77
CA GLY C 238 -18.85 -4.77 -10.39
C GLY C 238 -18.55 -4.23 -11.77
N TYR C 239 -17.45 -3.48 -11.88
CA TYR C 239 -17.25 -2.63 -13.06
C TYR C 239 -17.11 -3.50 -14.36
N ALA C 240 -16.30 -4.54 -14.26
CA ALA C 240 -15.97 -5.38 -15.43
C ALA C 240 -17.23 -5.98 -16.10
N ALA C 241 -18.18 -6.46 -15.29
CA ALA C 241 -19.45 -6.97 -15.78
C ALA C 241 -20.37 -5.80 -16.21
N ALA C 242 -20.26 -4.67 -15.52
CA ALA C 242 -21.13 -3.52 -15.73
C ALA C 242 -20.91 -2.84 -17.09
N VAL C 243 -19.67 -2.89 -17.60
CA VAL C 243 -19.36 -2.25 -18.88
C VAL C 243 -20.30 -2.76 -19.97
N TYR C 244 -20.55 -4.07 -19.96
CA TYR C 244 -21.46 -4.70 -20.96
C TYR C 244 -22.87 -4.11 -20.90
N GLU C 245 -23.41 -3.96 -19.69
CA GLU C 245 -24.73 -3.37 -19.52
C GLU C 245 -24.74 -1.89 -19.89
N LEU C 246 -23.66 -1.18 -19.61
CA LEU C 246 -23.58 0.24 -20.04
C LEU C 246 -23.60 0.38 -21.57
N VAL C 247 -22.92 -0.52 -22.27
CA VAL C 247 -23.03 -0.55 -23.76
C VAL C 247 -24.52 -0.67 -24.18
N GLU C 248 -25.24 -1.62 -23.61
CA GLU C 248 -26.68 -1.75 -23.89
C GLU C 248 -27.51 -0.48 -23.58
N ILE C 249 -27.28 0.14 -22.42
CA ILE C 249 -28.01 1.31 -21.98
C ILE C 249 -27.78 2.49 -22.94
N PHE C 250 -26.52 2.75 -23.27
CA PHE C 250 -26.15 3.95 -24.01
C PHE C 250 -26.11 3.73 -25.52
N GLN C 251 -25.80 2.52 -25.98
CA GLN C 251 -25.70 2.25 -27.42
C GLN C 251 -26.93 1.53 -28.00
N GLY C 252 -27.69 0.86 -27.16
CA GLY C 252 -28.97 0.28 -27.57
C GLY C 252 -28.91 -1.05 -28.30
N TYR C 253 -27.83 -1.79 -28.17
CA TYR C 253 -27.77 -3.14 -28.74
C TYR C 253 -27.21 -4.16 -27.73
N GLU C 254 -27.40 -5.45 -28.04
CA GLU C 254 -26.91 -6.53 -27.20
C GLU C 254 -25.41 -6.55 -27.25
N ALA C 255 -24.79 -6.52 -26.07
CA ALA C 255 -23.33 -6.46 -25.95
C ALA C 255 -22.76 -7.80 -25.50
N GLY C 256 -23.61 -8.81 -25.32
CA GLY C 256 -23.11 -10.07 -24.82
C GLY C 256 -22.76 -9.96 -23.33
N GLU C 257 -21.85 -10.80 -22.88
CA GLU C 257 -21.61 -10.86 -21.43
C GLU C 257 -20.20 -11.37 -21.15
N PRO C 258 -19.69 -11.16 -19.92
CA PRO C 258 -18.36 -11.67 -19.53
C PRO C 258 -18.48 -13.13 -19.15
N ARG C 259 -17.43 -13.70 -18.60
CA ARG C 259 -17.47 -15.10 -18.21
C ARG C 259 -16.87 -15.25 -16.83
N GLY C 260 -17.48 -16.08 -16.02
CA GLY C 260 -16.96 -16.26 -14.68
C GLY C 260 -15.54 -16.78 -14.47
N PRO C 261 -14.80 -16.09 -13.58
CA PRO C 261 -15.25 -15.65 -12.25
C PRO C 261 -15.74 -14.16 -12.46
N VAL C 262 -15.57 -13.60 -13.67
CA VAL C 262 -16.25 -12.33 -14.01
C VAL C 262 -17.68 -12.61 -14.45
N TYR C 263 -18.54 -12.99 -13.49
CA TYR C 263 -19.91 -13.42 -13.84
C TYR C 263 -20.72 -12.25 -14.34
N PRO C 264 -21.59 -12.48 -15.35
CA PRO C 264 -22.51 -11.45 -15.84
C PRO C 264 -23.34 -10.81 -14.70
N LEU C 265 -23.70 -9.55 -14.79
CA LEU C 265 -24.61 -8.94 -13.83
C LEU C 265 -25.93 -9.71 -13.82
N ASP C 266 -26.54 -9.83 -12.66
CA ASP C 266 -27.86 -10.47 -12.62
C ASP C 266 -28.95 -9.45 -12.92
N PRO C 267 -30.21 -9.90 -13.05
CA PRO C 267 -31.23 -8.95 -13.45
C PRO C 267 -31.42 -7.77 -12.49
N GLU C 268 -31.28 -8.01 -11.18
CA GLU C 268 -31.41 -6.94 -10.18
C GLU C 268 -30.30 -5.91 -10.31
N GLU C 269 -29.06 -6.38 -10.49
CA GLU C 269 -27.91 -5.48 -10.72
C GLU C 269 -28.08 -4.65 -12.00
N LYS C 270 -28.56 -5.26 -13.07
CA LYS C 270 -28.84 -4.50 -14.30
C LYS C 270 -29.93 -3.44 -14.08
N ALA C 271 -30.99 -3.80 -13.39
CA ALA C 271 -32.06 -2.82 -13.12
C ALA C 271 -31.54 -1.68 -12.27
N TRP C 272 -30.72 -1.99 -11.27
CA TRP C 272 -30.12 -0.95 -10.40
C TRP C 272 -29.26 0.00 -11.23
N LEU C 273 -28.43 -0.57 -12.09
CA LEU C 273 -27.48 0.24 -12.87
C LEU C 273 -28.21 1.16 -13.86
N ARG C 274 -29.20 0.63 -14.56
CA ARG C 274 -30.02 1.47 -15.45
C ARG C 274 -30.58 2.69 -14.72
N ALA C 275 -31.14 2.44 -13.55
CA ALA C 275 -31.70 3.51 -12.74
C ALA C 275 -30.59 4.46 -12.26
N ALA C 276 -29.44 3.90 -11.90
CA ALA C 276 -28.33 4.69 -11.35
C ALA C 276 -27.80 5.70 -12.36
N VAL C 277 -27.80 5.35 -13.64
CA VAL C 277 -27.21 6.23 -14.63
C VAL C 277 -28.24 7.11 -15.38
N ALA C 278 -29.51 6.92 -15.05
CA ALA C 278 -30.59 7.63 -15.74
C ALA C 278 -30.43 9.17 -15.74
N LYS C 279 -30.14 9.76 -14.58
CA LYS C 279 -29.99 11.21 -14.51
C LYS C 279 -28.82 11.68 -15.35
N ALA C 280 -27.63 11.12 -15.14
CA ALA C 280 -26.48 11.50 -15.95
C ALA C 280 -26.78 11.31 -17.43
N LYS C 281 -27.41 10.19 -17.78
CA LYS C 281 -27.82 9.93 -19.15
C LYS C 281 -28.71 11.04 -19.74
N SER C 282 -29.67 11.54 -18.96
CA SER C 282 -30.55 12.56 -19.48
C SER C 282 -29.81 13.88 -19.61
N GLN C 283 -28.84 14.13 -18.74
CA GLN C 283 -28.06 15.36 -18.79
C GLN C 283 -27.11 15.39 -19.98
N LEU C 284 -26.92 14.23 -20.61
CA LEU C 284 -26.04 14.11 -21.77
C LEU C 284 -26.67 14.68 -23.04
N ARG C 285 -26.03 15.73 -23.56
CA ARG C 285 -26.44 16.39 -24.79
C ARG C 285 -25.35 16.20 -25.85
N LEU C 286 -25.58 15.23 -26.75
CA LEU C 286 -24.68 14.94 -27.87
C LEU C 286 -25.10 13.63 -28.56
N MET D 1 0.88 -31.94 13.66
CA MET D 1 0.90 -30.82 12.71
C MET D 1 1.69 -31.19 11.45
N GLU D 2 1.19 -30.75 10.29
CA GLU D 2 1.68 -31.23 9.01
C GLU D 2 2.65 -30.31 8.33
N ILE D 3 3.56 -30.91 7.57
CA ILE D 3 4.32 -30.20 6.54
C ILE D 3 3.71 -30.51 5.16
N VAL D 4 3.17 -29.47 4.51
CA VAL D 4 2.56 -29.57 3.17
C VAL D 4 3.53 -28.92 2.20
N ALA D 5 3.96 -29.63 1.15
CA ALA D 5 4.82 -29.01 0.16
C ALA D 5 4.03 -28.40 -0.99
N PRO D 6 4.16 -27.06 -1.23
CA PRO D 6 3.61 -26.52 -2.45
C PRO D 6 4.66 -26.86 -3.47
N VAL D 7 4.55 -28.07 -4.04
CA VAL D 7 5.61 -28.63 -4.88
C VAL D 7 5.91 -27.83 -6.15
N ILE D 8 7.19 -27.75 -6.50
CA ILE D 8 7.56 -27.15 -7.77
C ILE D 8 7.04 -27.98 -8.95
N THR D 9 6.71 -27.30 -10.05
CA THR D 9 6.36 -27.96 -11.29
C THR D 9 7.61 -28.00 -12.15
N THR D 10 7.92 -29.21 -12.61
CA THR D 10 9.25 -29.53 -13.03
C THR D 10 9.31 -29.56 -14.57
N PHE D 11 9.83 -28.51 -15.18
CA PHE D 11 9.90 -28.43 -16.65
C PHE D 11 11.27 -28.90 -17.16
N ARG D 12 11.27 -29.51 -18.33
CA ARG D 12 12.51 -29.82 -19.06
C ARG D 12 12.15 -29.69 -20.55
N GLY D 13 12.76 -28.71 -21.21
CA GLY D 13 12.50 -28.45 -22.64
C GLY D 13 11.42 -27.42 -22.93
N GLY D 14 10.81 -26.86 -21.87
CA GLY D 14 9.63 -26.03 -22.03
C GLY D 14 8.36 -26.84 -21.84
N ARG D 15 8.53 -28.14 -21.65
CA ARG D 15 7.41 -29.04 -21.35
C ARG D 15 7.53 -29.74 -20.00
N LEU D 16 6.39 -30.15 -19.46
CA LEU D 16 6.40 -30.84 -18.19
C LEU D 16 7.24 -32.11 -18.24
N ASP D 17 8.03 -32.34 -17.21
CA ASP D 17 8.78 -33.59 -17.11
C ASP D 17 8.30 -34.34 -15.88
N PRO D 18 7.26 -35.18 -16.03
CA PRO D 18 6.67 -35.90 -14.90
C PRO D 18 7.59 -36.91 -14.19
N GLU D 19 8.77 -37.21 -14.72
CA GLU D 19 9.68 -38.13 -14.01
C GLU D 19 10.65 -37.42 -13.06
N LEU D 20 11.13 -36.23 -13.43
CA LEU D 20 11.85 -35.42 -12.47
C LEU D 20 10.92 -35.14 -11.29
N PHE D 21 9.66 -34.89 -11.61
CA PHE D 21 8.64 -34.52 -10.63
C PHE D 21 8.41 -35.63 -9.63
N ALA D 22 8.20 -36.85 -10.15
CA ALA D 22 8.04 -38.04 -9.32
C ALA D 22 9.22 -38.28 -8.40
N ASN D 23 10.45 -38.21 -8.91
CA ASN D 23 11.64 -38.39 -8.08
C ASN D 23 11.67 -37.34 -6.96
N HIS D 24 11.27 -36.12 -7.29
CA HIS D 24 11.33 -35.02 -6.32
C HIS D 24 10.28 -35.27 -5.22
N VAL D 25 9.06 -35.49 -5.63
CA VAL D 25 7.98 -35.80 -4.71
C VAL D 25 8.32 -36.96 -3.78
N LYS D 26 8.88 -38.02 -4.34
CA LYS D 26 9.26 -39.17 -3.53
C LYS D 26 10.35 -38.85 -2.55
N ASN D 27 11.34 -38.07 -2.96
CA ASN D 27 12.37 -37.69 -2.03
C ASN D 27 11.80 -36.82 -0.88
N ILE D 28 11.11 -35.74 -1.21
CA ILE D 28 10.67 -34.85 -0.15
C ILE D 28 9.65 -35.52 0.78
N THR D 29 8.79 -36.39 0.25
CA THR D 29 7.87 -37.11 1.12
C THR D 29 8.60 -38.11 2.06
N SER D 30 9.79 -38.56 1.67
CA SER D 30 10.54 -39.46 2.56
C SER D 30 11.30 -38.69 3.66
N LYS D 31 11.47 -37.37 3.44
CA LYS D 31 12.15 -36.48 4.37
C LYS D 31 11.21 -35.58 5.18
N GLY D 32 9.94 -35.93 5.19
CA GLY D 32 9.03 -35.36 6.16
C GLY D 32 7.83 -34.62 5.61
N VAL D 33 7.69 -34.58 4.28
CA VAL D 33 6.50 -33.94 3.71
C VAL D 33 5.31 -34.86 3.86
N ASP D 34 4.27 -34.35 4.48
CA ASP D 34 3.07 -35.14 4.76
C ASP D 34 2.10 -35.09 3.60
N VAL D 35 1.95 -33.93 2.99
CA VAL D 35 0.94 -33.74 1.94
C VAL D 35 1.59 -32.99 0.77
N VAL D 36 1.25 -33.40 -0.46
CA VAL D 36 1.69 -32.71 -1.66
C VAL D 36 0.61 -31.75 -2.20
N PHE D 37 0.97 -30.48 -2.33
CA PHE D 37 0.03 -29.47 -2.80
C PHE D 37 0.47 -29.08 -4.19
N VAL D 38 -0.26 -29.54 -5.23
CA VAL D 38 0.14 -29.33 -6.61
C VAL D 38 -0.48 -28.07 -7.23
N ALA D 39 0.32 -27.40 -8.05
CA ALA D 39 -0.07 -26.18 -8.81
C ALA D 39 -0.34 -24.94 -7.93
N GLY D 40 0.33 -24.87 -6.80
CA GLY D 40 0.28 -23.68 -5.96
C GLY D 40 1.14 -22.63 -6.62
N THR D 41 1.30 -21.48 -5.96
CA THR D 41 2.10 -20.40 -6.55
C THR D 41 3.55 -20.87 -6.76
N THR D 42 4.11 -21.56 -5.76
CA THR D 42 5.45 -22.17 -5.89
C THR D 42 5.52 -23.15 -7.11
N GLY D 43 4.38 -23.76 -7.43
CA GLY D 43 4.27 -24.67 -8.58
C GLY D 43 3.82 -24.00 -9.85
N LEU D 44 3.81 -22.67 -9.84
CA LEU D 44 3.51 -21.91 -11.05
C LEU D 44 2.10 -22.15 -11.56
N GLY D 45 1.18 -22.47 -10.66
CA GLY D 45 -0.19 -22.78 -11.06
C GLY D 45 -0.84 -21.88 -12.10
N PRO D 46 -0.95 -20.56 -11.81
CA PRO D 46 -1.58 -19.70 -12.80
C PRO D 46 -0.90 -19.67 -14.17
N ALA D 47 0.34 -20.15 -14.26
CA ALA D 47 1.07 -20.26 -15.54
C ALA D 47 0.76 -21.55 -16.33
N LEU D 48 -0.01 -22.46 -15.74
CA LEU D 48 -0.20 -23.80 -16.34
C LEU D 48 -1.52 -23.94 -17.06
N SER D 49 -1.51 -24.62 -18.21
CA SER D 49 -2.75 -24.90 -18.92
C SER D 49 -3.55 -25.92 -18.13
N LEU D 50 -4.84 -26.04 -18.44
CA LEU D 50 -5.66 -27.06 -17.84
C LEU D 50 -5.06 -28.47 -18.03
N GLN D 51 -4.62 -28.76 -19.27
CA GLN D 51 -4.00 -30.05 -19.54
C GLN D 51 -2.71 -30.23 -18.72
N GLU D 52 -1.89 -29.19 -18.63
CA GLU D 52 -0.70 -29.32 -17.80
C GLU D 52 -1.04 -29.65 -16.35
N LYS D 53 -2.12 -29.04 -15.83
CA LYS D 53 -2.55 -29.28 -14.44
C LYS D 53 -3.12 -30.68 -14.23
N MET D 54 -3.78 -31.20 -15.28
CA MET D 54 -4.21 -32.60 -15.27
C MET D 54 -3.01 -33.54 -15.26
N GLU D 55 -2.02 -33.26 -16.11
CA GLU D 55 -0.76 -34.06 -16.13
C GLU D 55 -0.01 -34.02 -14.78
N LEU D 56 0.11 -32.83 -14.20
CA LEU D 56 0.64 -32.70 -12.84
C LEU D 56 -0.17 -33.48 -11.82
N THR D 57 -1.49 -33.41 -11.91
CA THR D 57 -2.36 -34.15 -11.02
C THR D 57 -2.08 -35.68 -11.14
N ASP D 58 -1.89 -36.16 -12.38
CA ASP D 58 -1.59 -37.59 -12.61
C ASP D 58 -0.26 -37.91 -11.90
N ALA D 59 0.76 -37.09 -12.15
CA ALA D 59 2.08 -37.38 -11.61
C ALA D 59 2.07 -37.34 -10.08
N ALA D 60 1.37 -36.35 -9.49
CA ALA D 60 1.29 -36.25 -8.03
C ALA D 60 0.55 -37.43 -7.41
N THR D 61 -0.59 -37.78 -7.98
CA THR D 61 -1.38 -38.89 -7.42
C THR D 61 -0.68 -40.26 -7.67
N SER D 62 0.23 -40.32 -8.62
CA SER D 62 1.06 -41.53 -8.81
C SER D 62 2.20 -41.64 -7.79
N ALA D 63 2.74 -40.49 -7.37
CA ALA D 63 3.98 -40.49 -6.58
C ALA D 63 3.74 -40.31 -5.08
N ALA D 64 2.54 -39.90 -4.70
CA ALA D 64 2.24 -39.59 -3.32
C ALA D 64 0.85 -40.04 -2.92
N ARG D 65 0.73 -40.49 -1.67
CA ARG D 65 -0.52 -40.90 -1.06
C ARG D 65 -1.51 -39.78 -0.75
N ARG D 66 -1.00 -38.61 -0.36
CA ARG D 66 -1.87 -37.48 0.00
C ARG D 66 -1.60 -36.25 -0.88
N VAL D 67 -2.59 -35.88 -1.69
CA VAL D 67 -2.44 -34.84 -2.71
C VAL D 67 -3.62 -33.88 -2.60
N ILE D 68 -3.31 -32.58 -2.60
CA ILE D 68 -4.31 -31.51 -2.72
C ILE D 68 -4.00 -30.79 -4.00
N VAL D 69 -4.99 -30.64 -4.87
CA VAL D 69 -4.73 -29.99 -6.14
C VAL D 69 -5.27 -28.57 -6.11
N GLN D 70 -4.41 -27.61 -6.45
CA GLN D 70 -4.84 -26.20 -6.57
C GLN D 70 -5.47 -25.93 -7.97
N VAL D 71 -6.73 -25.51 -8.01
CA VAL D 71 -7.52 -25.53 -9.28
C VAL D 71 -7.91 -24.18 -9.87
N ALA D 72 -7.48 -23.08 -9.24
CA ALA D 72 -7.92 -21.77 -9.73
C ALA D 72 -7.71 -21.57 -11.23
N SER D 73 -8.66 -20.93 -11.89
CA SER D 73 -8.46 -20.48 -13.26
C SER D 73 -9.28 -19.22 -13.47
N LEU D 74 -8.82 -18.36 -14.36
CA LEU D 74 -9.61 -17.16 -14.73
C LEU D 74 -10.70 -17.48 -15.76
N ASN D 75 -10.79 -18.77 -16.13
CA ASN D 75 -12.03 -19.33 -16.70
C ASN D 75 -12.55 -20.28 -15.66
N ALA D 76 -13.61 -19.88 -14.95
CA ALA D 76 -14.07 -20.67 -13.83
C ALA D 76 -14.48 -22.08 -14.26
N ASP D 77 -14.94 -22.23 -15.51
CA ASP D 77 -15.28 -23.57 -16.00
C ASP D 77 -14.11 -24.52 -15.92
N GLU D 78 -12.90 -24.01 -16.20
CA GLU D 78 -11.69 -24.84 -16.08
C GLU D 78 -11.35 -25.23 -14.64
N ALA D 79 -11.67 -24.34 -13.69
CA ALA D 79 -11.51 -24.65 -12.26
C ALA D 79 -12.43 -25.80 -11.88
N ILE D 80 -13.68 -25.72 -12.31
CA ILE D 80 -14.61 -26.82 -12.08
C ILE D 80 -14.16 -28.12 -12.79
N ALA D 81 -13.79 -28.04 -14.06
CA ALA D 81 -13.27 -29.23 -14.81
C ALA D 81 -12.14 -29.88 -14.02
N LEU D 82 -11.12 -29.10 -13.65
CA LEU D 82 -9.98 -29.68 -12.95
C LEU D 82 -10.33 -30.30 -11.58
N ALA D 83 -11.24 -29.65 -10.85
CA ALA D 83 -11.58 -30.16 -9.55
C ALA D 83 -12.19 -31.56 -9.68
N LYS D 84 -13.09 -31.71 -10.66
CA LYS D 84 -13.71 -33.00 -10.93
C LYS D 84 -12.65 -34.03 -11.33
N TYR D 85 -11.67 -33.62 -12.15
CA TYR D 85 -10.57 -34.49 -12.58
C TYR D 85 -9.68 -34.92 -11.41
N ALA D 86 -9.33 -33.94 -10.55
CA ALA D 86 -8.53 -34.24 -9.34
C ALA D 86 -9.20 -35.26 -8.41
N GLU D 87 -10.48 -35.05 -8.15
CA GLU D 87 -11.25 -36.00 -7.40
C GLU D 87 -11.22 -37.41 -8.09
N SER D 88 -11.39 -37.44 -9.40
CA SER D 88 -11.39 -38.73 -10.12
C SER D 88 -10.03 -39.47 -9.96
N ARG D 89 -8.96 -38.70 -9.79
CA ARG D 89 -7.62 -39.25 -9.69
C ARG D 89 -7.26 -39.64 -8.26
N GLY D 90 -8.15 -39.36 -7.31
CA GLY D 90 -7.94 -39.72 -5.91
C GLY D 90 -7.31 -38.61 -5.03
N ALA D 91 -7.36 -37.37 -5.49
CA ALA D 91 -6.93 -36.25 -4.64
C ALA D 91 -7.80 -36.22 -3.39
N GLU D 92 -7.19 -35.96 -2.23
CA GLU D 92 -8.00 -35.86 -1.00
C GLU D 92 -8.75 -34.56 -0.84
N ALA D 93 -8.27 -33.50 -1.49
CA ALA D 93 -8.95 -32.22 -1.46
C ALA D 93 -8.52 -31.41 -2.66
N VAL D 94 -9.30 -30.37 -2.98
CA VAL D 94 -8.84 -29.35 -3.92
C VAL D 94 -8.80 -27.99 -3.16
N ALA D 95 -8.02 -27.06 -3.69
CA ALA D 95 -7.96 -25.68 -3.13
C ALA D 95 -8.07 -24.72 -4.27
N SER D 96 -8.49 -23.49 -3.99
CA SER D 96 -8.41 -22.47 -4.99
C SER D 96 -8.04 -21.09 -4.41
N LEU D 97 -7.18 -20.40 -5.13
CA LEU D 97 -7.07 -18.94 -4.98
C LEU D 97 -8.42 -18.31 -5.21
N PRO D 98 -8.65 -17.12 -4.61
CA PRO D 98 -9.79 -16.34 -5.06
C PRO D 98 -9.48 -15.90 -6.47
N PRO D 99 -10.52 -15.48 -7.20
CA PRO D 99 -10.31 -14.87 -8.51
C PRO D 99 -9.25 -13.75 -8.43
N TYR D 100 -8.24 -13.83 -9.28
CA TYR D 100 -7.14 -12.92 -9.15
C TYR D 100 -7.07 -12.00 -10.36
N TYR D 101 -5.98 -11.23 -10.42
CA TYR D 101 -5.73 -10.22 -11.48
C TYR D 101 -6.72 -9.03 -11.51
N PHE D 102 -8.01 -9.30 -11.76
CA PHE D 102 -8.99 -8.24 -11.96
C PHE D 102 -9.24 -7.50 -10.64
N PRO D 103 -9.10 -6.17 -10.68
CA PRO D 103 -9.41 -5.44 -9.46
C PRO D 103 -10.94 -5.24 -9.38
N ARG D 104 -11.46 -5.16 -8.18
CA ARG D 104 -12.82 -4.72 -7.97
C ARG D 104 -13.93 -5.62 -8.56
N LEU D 105 -13.69 -6.93 -8.63
CA LEU D 105 -14.78 -7.87 -8.80
C LEU D 105 -15.70 -7.70 -7.60
N SER D 106 -16.98 -8.07 -7.75
CA SER D 106 -17.94 -7.91 -6.66
C SER D 106 -17.91 -9.08 -5.66
N GLU D 107 -18.46 -8.86 -4.47
CA GLU D 107 -18.56 -9.95 -3.49
C GLU D 107 -19.41 -11.09 -4.04
N ARG D 108 -20.48 -10.73 -4.75
CA ARG D 108 -21.34 -11.77 -5.34
C ARG D 108 -20.53 -12.66 -6.29
N GLN D 109 -19.67 -12.05 -7.10
CA GLN D 109 -18.88 -12.82 -8.11
C GLN D 109 -17.92 -13.78 -7.42
N ILE D 110 -17.26 -13.29 -6.39
CA ILE D 110 -16.28 -14.09 -5.67
C ILE D 110 -16.95 -15.26 -4.92
N ALA D 111 -18.11 -15.00 -4.31
CA ALA D 111 -18.84 -16.05 -3.58
C ALA D 111 -19.35 -17.12 -4.52
N LYS D 112 -19.84 -16.70 -5.67
CA LYS D 112 -20.38 -17.63 -6.65
C LYS D 112 -19.27 -18.56 -7.17
N TYR D 113 -18.09 -17.98 -7.43
CA TYR D 113 -16.95 -18.77 -7.81
C TYR D 113 -16.70 -19.91 -6.82
N PHE D 114 -16.58 -19.59 -5.53
CA PHE D 114 -16.25 -20.61 -4.54
C PHE D 114 -17.38 -21.61 -4.33
N ARG D 115 -18.61 -21.10 -4.23
CA ARG D 115 -19.76 -22.01 -4.02
C ARG D 115 -19.98 -22.97 -5.20
N ASP D 116 -19.78 -22.49 -6.43
CA ASP D 116 -19.87 -23.36 -7.61
C ASP D 116 -18.82 -24.44 -7.56
N LEU D 117 -17.64 -24.10 -7.04
CA LEU D 117 -16.56 -25.07 -6.92
C LEU D 117 -16.92 -26.14 -5.90
N CYS D 118 -17.45 -25.73 -4.75
CA CYS D 118 -17.82 -26.67 -3.69
C CYS D 118 -18.92 -27.64 -4.19
N SER D 119 -19.81 -27.15 -5.04
CA SER D 119 -20.90 -27.99 -5.47
C SER D 119 -20.50 -28.99 -6.60
N ALA D 120 -19.32 -28.81 -7.19
CA ALA D 120 -18.86 -29.67 -8.27
C ALA D 120 -18.23 -30.97 -7.75
N VAL D 121 -17.82 -30.99 -6.50
CA VAL D 121 -17.09 -32.14 -5.98
C VAL D 121 -17.62 -32.53 -4.63
N SER D 122 -17.32 -33.75 -4.22
CA SER D 122 -17.71 -34.16 -2.90
C SER D 122 -16.50 -34.17 -1.96
N ILE D 123 -15.27 -34.12 -2.50
CA ILE D 123 -14.09 -33.95 -1.64
C ILE D 123 -14.07 -32.47 -1.15
N PRO D 124 -13.39 -32.19 -0.02
CA PRO D 124 -13.33 -30.81 0.53
C PRO D 124 -12.67 -29.78 -0.38
N VAL D 125 -13.19 -28.56 -0.32
CA VAL D 125 -12.59 -27.41 -0.99
C VAL D 125 -11.92 -26.50 0.06
N PHE D 126 -10.63 -26.27 -0.13
CA PHE D 126 -9.83 -25.38 0.72
C PHE D 126 -9.78 -24.01 0.05
N LEU D 127 -9.75 -22.96 0.87
CA LEU D 127 -9.40 -21.64 0.38
C LEU D 127 -7.86 -21.55 0.37
N TYR D 128 -7.29 -21.10 -0.75
CA TYR D 128 -5.87 -20.80 -0.84
C TYR D 128 -5.78 -19.27 -0.95
N ASN D 129 -5.43 -18.64 0.17
CA ASN D 129 -5.43 -17.16 0.26
C ASN D 129 -3.97 -16.69 0.13
N TYR D 130 -3.73 -15.68 -0.69
CA TYR D 130 -2.37 -15.17 -0.91
C TYR D 130 -2.55 -13.72 -1.39
N PRO D 131 -2.90 -12.82 -0.47
CA PRO D 131 -3.24 -11.45 -0.87
C PRO D 131 -2.16 -10.74 -1.74
N ALA D 132 -0.87 -10.91 -1.42
CA ALA D 132 0.18 -10.23 -2.21
C ALA D 132 0.15 -10.59 -3.68
N ALA D 133 -0.20 -11.84 -3.98
CA ALA D 133 -0.21 -12.31 -5.38
C ALA D 133 -1.57 -12.09 -6.05
N VAL D 134 -2.63 -12.37 -5.29
CA VAL D 134 -4.01 -12.34 -5.79
C VAL D 134 -4.56 -10.90 -5.99
N GLY D 135 -4.12 -9.98 -5.11
CA GLY D 135 -4.60 -8.58 -5.12
C GLY D 135 -5.89 -8.39 -4.35
N ARG D 136 -6.35 -9.45 -3.68
CA ARG D 136 -7.52 -9.37 -2.80
C ARG D 136 -7.37 -10.42 -1.72
N ASP D 137 -8.09 -10.21 -0.61
CA ASP D 137 -8.03 -11.11 0.55
C ASP D 137 -9.44 -11.69 0.77
N VAL D 138 -9.53 -12.97 1.11
CA VAL D 138 -10.77 -13.54 1.60
C VAL D 138 -10.42 -13.90 3.05
N ASP D 139 -10.75 -13.01 3.99
CA ASP D 139 -10.37 -13.25 5.39
C ASP D 139 -11.25 -14.28 6.07
N ALA D 140 -11.04 -14.51 7.37
CA ALA D 140 -11.72 -15.58 8.09
C ALA D 140 -13.23 -15.38 8.12
N ARG D 141 -13.66 -14.15 8.36
CA ARG D 141 -15.08 -13.84 8.32
C ARG D 141 -15.72 -14.14 6.94
N ALA D 142 -15.05 -13.66 5.88
CA ALA D 142 -15.51 -13.92 4.51
C ALA D 142 -15.56 -15.42 4.19
N ALA D 143 -14.50 -16.13 4.61
CA ALA D 143 -14.40 -17.59 4.46
C ALA D 143 -15.54 -18.34 5.13
N LYS D 144 -15.84 -17.95 6.35
CA LYS D 144 -16.96 -18.55 7.04
C LYS D 144 -18.28 -18.28 6.26
N GLU D 145 -18.43 -17.05 5.78
CA GLU D 145 -19.66 -16.66 5.06
C GLU D 145 -19.89 -17.42 3.75
N LEU D 146 -18.79 -17.86 3.13
CA LEU D 146 -18.86 -18.70 1.92
C LEU D 146 -19.67 -19.97 2.21
N GLY D 147 -19.43 -20.57 3.36
CA GLY D 147 -20.30 -21.64 3.85
C GLY D 147 -19.88 -23.05 3.44
N CYS D 148 -18.78 -23.17 2.71
CA CYS D 148 -18.38 -24.49 2.25
C CYS D 148 -16.85 -24.75 2.34
N ILE D 149 -16.14 -23.83 3.00
CA ILE D 149 -14.69 -23.90 3.08
C ILE D 149 -14.27 -24.88 4.18
N ARG D 150 -13.48 -25.88 3.80
CA ARG D 150 -13.11 -26.94 4.74
C ARG D 150 -11.64 -26.91 5.20
N GLY D 151 -10.87 -25.98 4.67
CA GLY D 151 -9.46 -25.94 4.95
C GLY D 151 -8.99 -24.61 4.46
N VAL D 152 -7.89 -24.13 5.03
CA VAL D 152 -7.34 -22.86 4.62
C VAL D 152 -5.83 -22.91 4.55
N LYS D 153 -5.28 -22.48 3.43
CA LYS D 153 -3.84 -22.28 3.31
C LYS D 153 -3.68 -20.78 3.07
N ASP D 154 -3.02 -20.11 4.01
CA ASP D 154 -2.95 -18.63 4.02
C ASP D 154 -1.45 -18.28 3.87
N THR D 155 -1.05 -17.89 2.66
CA THR D 155 0.34 -17.50 2.39
C THR D 155 0.39 -15.99 2.70
N ASN D 156 0.82 -15.69 3.93
CA ASN D 156 0.54 -14.40 4.54
C ASN D 156 1.56 -14.16 5.64
N GLU D 157 2.11 -12.94 5.70
CA GLU D 157 3.06 -12.62 6.76
C GLU D 157 2.38 -12.29 8.07
N SER D 158 1.05 -12.09 8.01
CA SER D 158 0.31 -11.80 9.21
C SER D 158 -0.23 -13.08 9.89
N LEU D 159 0.48 -13.56 10.92
CA LEU D 159 0.06 -14.78 11.61
C LEU D 159 -1.29 -14.60 12.29
N ALA D 160 -1.61 -13.41 12.77
CA ALA D 160 -2.93 -13.26 13.38
C ALA D 160 -4.04 -13.44 12.32
N HIS D 161 -3.77 -13.03 11.09
CA HIS D 161 -4.75 -13.24 10.00
C HIS D 161 -5.03 -14.74 9.82
N THR D 162 -3.97 -15.53 9.79
CA THR D 162 -4.10 -17.00 9.72
C THR D 162 -4.83 -17.61 10.93
N LEU D 163 -4.41 -17.21 12.12
CA LEU D 163 -5.05 -17.68 13.35
C LEU D 163 -6.54 -17.40 13.34
N ALA D 164 -6.96 -16.29 12.75
CA ALA D 164 -8.40 -15.96 12.71
C ALA D 164 -9.24 -17.04 12.05
N TYR D 165 -8.71 -17.73 11.03
CA TYR D 165 -9.49 -18.81 10.41
C TYR D 165 -9.81 -19.91 11.43
N LYS D 166 -8.90 -20.17 12.37
CA LYS D 166 -9.21 -21.12 13.45
C LYS D 166 -10.29 -20.59 14.40
N ARG D 167 -10.34 -19.27 14.58
CA ARG D 167 -11.35 -18.65 15.40
C ARG D 167 -12.72 -18.87 14.73
N TYR D 168 -12.82 -18.56 13.44
CA TYR D 168 -14.11 -18.58 12.73
C TYR D 168 -14.53 -19.94 12.17
N LEU D 169 -13.54 -20.76 11.82
CA LEU D 169 -13.80 -22.07 11.25
C LEU D 169 -12.99 -23.10 12.07
N PRO D 170 -13.35 -23.28 13.36
CA PRO D 170 -12.50 -24.12 14.22
C PRO D 170 -12.44 -25.59 13.79
N GLN D 171 -13.37 -26.00 12.96
CA GLN D 171 -13.39 -27.33 12.38
C GLN D 171 -12.52 -27.48 11.12
N ALA D 172 -12.06 -26.37 10.55
CA ALA D 172 -11.28 -26.41 9.32
C ALA D 172 -9.82 -26.65 9.66
N ARG D 173 -9.09 -27.28 8.75
CA ARG D 173 -7.64 -27.37 8.93
C ARG D 173 -6.96 -26.12 8.33
N VAL D 174 -6.10 -25.49 9.10
CA VAL D 174 -5.58 -24.16 8.73
C VAL D 174 -4.05 -24.16 8.74
N TYR D 175 -3.45 -23.71 7.64
CA TYR D 175 -2.01 -23.75 7.40
C TYR D 175 -1.52 -22.32 7.08
N ASN D 176 -0.32 -21.99 7.51
CA ASN D 176 0.27 -20.74 7.03
C ASN D 176 1.35 -21.05 6.01
N GLY D 177 1.43 -20.23 4.96
CA GLY D 177 2.35 -20.49 3.88
C GLY D 177 3.60 -19.65 3.77
N SER D 178 3.91 -18.82 4.77
CA SER D 178 5.15 -18.02 4.70
C SER D 178 6.31 -18.85 5.28
N ASP D 179 7.42 -18.97 4.54
CA ASP D 179 8.65 -19.62 5.03
C ASP D 179 9.17 -19.00 6.33
N SER D 180 8.93 -17.71 6.51
CA SER D 180 9.49 -17.04 7.70
C SER D 180 8.65 -17.33 8.97
N LEU D 181 7.49 -17.98 8.79
CA LEU D 181 6.59 -18.29 9.89
C LEU D 181 6.48 -19.80 10.21
N VAL D 182 7.44 -20.59 9.80
CA VAL D 182 7.27 -22.05 10.03
C VAL D 182 7.34 -22.36 11.52
N PHE D 183 8.40 -21.86 12.14
CA PHE D 183 8.55 -21.96 13.60
C PHE D 183 7.31 -21.44 14.31
N ALA D 184 6.90 -20.21 13.98
CA ALA D 184 5.79 -19.58 14.67
C ALA D 184 4.50 -20.38 14.46
N SER D 185 4.28 -20.88 13.24
CA SER D 185 3.06 -21.65 12.96
C SER D 185 2.96 -22.89 13.86
N PHE D 186 4.06 -23.62 14.00
CA PHE D 186 4.05 -24.76 14.90
C PHE D 186 3.84 -24.33 16.37
N ALA D 187 4.51 -23.24 16.77
CA ALA D 187 4.43 -22.70 18.13
C ALA D 187 3.01 -22.32 18.59
N VAL D 188 2.20 -21.77 17.68
CA VAL D 188 0.83 -21.43 17.99
C VAL D 188 -0.14 -22.57 17.64
N ARG D 189 0.40 -23.68 17.15
CA ARG D 189 -0.43 -24.85 16.86
C ARG D 189 -1.53 -24.60 15.79
N LEU D 190 -1.10 -24.02 14.68
CA LEU D 190 -1.86 -24.17 13.43
C LEU D 190 -1.84 -25.68 13.08
N ASP D 191 -2.67 -26.09 12.12
CA ASP D 191 -2.67 -27.48 11.71
C ASP D 191 -1.43 -27.83 10.93
N GLY D 192 -0.68 -26.81 10.48
CA GLY D 192 0.62 -27.08 9.88
C GLY D 192 1.09 -25.93 9.01
N VAL D 193 2.09 -26.20 8.17
CA VAL D 193 2.65 -25.20 7.26
C VAL D 193 2.58 -25.63 5.79
N VAL D 194 2.46 -24.67 4.89
CA VAL D 194 2.56 -24.94 3.45
C VAL D 194 3.61 -24.05 2.81
N ALA D 195 4.83 -24.28 3.21
CA ALA D 195 5.92 -23.38 2.95
C ALA D 195 6.75 -23.89 1.77
N SER D 196 7.15 -22.98 0.89
CA SER D 196 7.93 -23.34 -0.32
C SER D 196 9.26 -24.09 -0.01
N SER D 197 9.84 -23.83 1.16
CA SER D 197 11.10 -24.50 1.55
C SER D 197 10.95 -26.01 1.78
N ALA D 198 9.72 -26.51 1.84
CA ALA D 198 9.48 -27.98 1.86
C ALA D 198 10.08 -28.67 0.65
N ASN D 199 10.23 -27.94 -0.47
CA ASN D 199 10.86 -28.46 -1.67
C ASN D 199 12.37 -28.75 -1.50
N TYR D 200 13.07 -27.84 -0.84
CA TYR D 200 14.52 -27.91 -0.82
C TYR D 200 15.15 -28.29 0.51
N LEU D 201 14.44 -28.05 1.62
CA LEU D 201 14.94 -28.36 2.95
C LEU D 201 13.84 -28.98 3.84
N PRO D 202 13.17 -30.04 3.32
CA PRO D 202 12.09 -30.60 4.14
C PRO D 202 12.59 -31.06 5.52
N GLU D 203 13.83 -31.55 5.60
CA GLU D 203 14.39 -32.05 6.86
C GLU D 203 14.59 -30.94 7.89
N LEU D 204 14.83 -29.72 7.41
CA LEU D 204 14.93 -28.53 8.27
C LEU D 204 13.56 -28.20 8.85
N LEU D 205 12.52 -28.26 8.02
CA LEU D 205 11.18 -27.99 8.54
C LEU D 205 10.79 -29.02 9.58
N ALA D 206 11.16 -30.29 9.32
CA ALA D 206 10.82 -31.37 10.27
C ALA D 206 11.61 -31.18 11.55
N GLY D 207 12.84 -30.72 11.43
CA GLY D 207 13.62 -30.37 12.61
C GLY D 207 13.02 -29.24 13.46
N ILE D 208 12.52 -28.20 12.80
CA ILE D 208 11.82 -27.12 13.51
C ILE D 208 10.59 -27.67 14.21
N ARG D 209 9.80 -28.46 13.48
CA ARG D 209 8.64 -29.10 14.09
C ARG D 209 9.00 -29.94 15.34
N ASP D 210 10.01 -30.81 15.22
CA ASP D 210 10.51 -31.66 16.34
C ASP D 210 10.86 -30.83 17.56
N ALA D 211 11.61 -29.76 17.32
CA ALA D 211 12.15 -28.91 18.38
C ALA D 211 11.06 -28.14 19.08
N VAL D 212 10.06 -27.67 18.33
CA VAL D 212 8.90 -27.04 18.94
C VAL D 212 8.19 -28.07 19.83
N ALA D 213 8.01 -29.27 19.30
CA ALA D 213 7.39 -30.36 20.07
C ALA D 213 8.16 -30.79 21.34
N ALA D 214 9.48 -30.75 21.33
CA ALA D 214 10.21 -30.96 22.56
C ALA D 214 9.99 -29.73 23.47
N GLY D 215 10.42 -28.56 23.02
CA GLY D 215 10.26 -27.33 23.78
C GLY D 215 11.61 -26.70 23.67
N ASP D 216 12.40 -27.21 22.74
CA ASP D 216 13.62 -26.55 22.45
C ASP D 216 13.16 -25.45 21.52
N ILE D 217 12.16 -24.70 22.02
CA ILE D 217 11.69 -23.48 21.38
C ILE D 217 12.86 -22.60 20.92
N GLU D 218 13.97 -22.60 21.65
CA GLU D 218 15.17 -21.82 21.24
C GLU D 218 16.03 -22.46 20.13
N ARG D 219 16.02 -23.79 20.03
CA ARG D 219 16.67 -24.43 18.89
C ARG D 219 15.79 -24.30 17.63
N ALA D 220 14.48 -24.39 17.84
CA ALA D 220 13.52 -24.17 16.73
C ALA D 220 13.71 -22.79 16.12
N ARG D 221 13.85 -21.77 16.97
CA ARG D 221 14.06 -20.42 16.45
C ARG D 221 15.39 -20.30 15.75
N SER D 222 16.37 -20.98 16.32
CA SER D 222 17.67 -20.98 15.68
C SER D 222 17.62 -21.63 14.30
N LEU D 223 16.88 -22.73 14.14
CA LEU D 223 16.79 -23.35 12.79
C LEU D 223 16.01 -22.45 11.82
N GLN D 224 14.92 -21.85 12.31
CA GLN D 224 14.16 -20.87 11.51
C GLN D 224 15.03 -19.75 10.99
N PHE D 225 15.92 -19.21 11.85
CA PHE D 225 16.79 -18.09 11.40
C PHE D 225 17.75 -18.51 10.29
N LEU D 226 18.23 -19.76 10.36
CA LEU D 226 19.06 -20.30 9.29
C LEU D 226 18.27 -20.36 7.98
N LEU D 227 17.07 -20.91 8.05
CA LEU D 227 16.14 -20.84 6.89
C LEU D 227 15.95 -19.39 6.42
N ASP D 228 15.75 -18.47 7.37
CA ASP D 228 15.51 -17.07 6.96
C ASP D 228 16.67 -16.51 6.17
N GLU D 229 17.91 -16.90 6.55
CA GLU D 229 19.08 -16.43 5.81
C GLU D 229 19.09 -16.95 4.38
N ILE D 230 18.74 -18.22 4.21
CA ILE D 230 18.72 -18.80 2.88
C ILE D 230 17.60 -18.17 2.04
N VAL D 231 16.44 -18.00 2.65
CA VAL D 231 15.34 -17.38 1.90
C VAL D 231 15.72 -15.95 1.45
N GLU D 232 16.30 -15.17 2.37
CA GLU D 232 16.79 -13.82 2.09
C GLU D 232 17.62 -13.78 0.81
N SER D 233 18.52 -14.77 0.62
CA SER D 233 19.44 -14.81 -0.52
C SER D 233 18.75 -15.18 -1.82
N ALA D 234 17.83 -16.16 -1.74
CA ALA D 234 17.07 -16.57 -2.90
C ALA D 234 16.15 -15.43 -3.36
N ARG D 235 15.61 -14.67 -2.42
CA ARG D 235 14.70 -13.57 -2.77
C ARG D 235 15.44 -12.52 -3.58
N HIS D 236 16.74 -12.40 -3.28
CA HIS D 236 17.56 -11.38 -3.91
C HIS D 236 17.73 -11.64 -5.39
N ILE D 237 17.79 -12.88 -5.83
CA ILE D 237 17.92 -13.12 -7.26
C ILE D 237 16.65 -13.51 -7.97
N GLY D 238 15.53 -13.54 -7.27
CA GLY D 238 14.29 -13.96 -7.91
C GLY D 238 13.85 -15.31 -7.37
N TYR D 239 13.07 -15.26 -6.29
CA TYR D 239 12.73 -16.45 -5.51
C TYR D 239 12.11 -17.59 -6.31
N ALA D 240 11.20 -17.27 -7.22
CA ALA D 240 10.44 -18.33 -7.88
C ALA D 240 11.36 -19.26 -8.68
N ALA D 241 12.30 -18.67 -9.42
CA ALA D 241 13.29 -19.49 -10.14
C ALA D 241 14.33 -20.09 -9.19
N ALA D 242 14.67 -19.35 -8.14
CA ALA D 242 15.70 -19.79 -7.21
C ALA D 242 15.33 -21.06 -6.43
N VAL D 243 14.04 -21.28 -6.19
CA VAL D 243 13.61 -22.49 -5.46
C VAL D 243 14.16 -23.76 -6.12
N TYR D 244 14.15 -23.77 -7.46
CA TYR D 244 14.64 -24.92 -8.22
C TYR D 244 16.13 -25.15 -8.00
N GLU D 245 16.92 -24.09 -7.99
CA GLU D 245 18.35 -24.20 -7.70
C GLU D 245 18.61 -24.64 -6.25
N LEU D 246 17.84 -24.10 -5.30
CA LEU D 246 17.99 -24.53 -3.89
C LEU D 246 17.73 -26.04 -3.75
N VAL D 247 16.80 -26.57 -4.51
CA VAL D 247 16.55 -28.02 -4.49
C VAL D 247 17.84 -28.76 -4.89
N GLU D 248 18.48 -28.33 -5.97
CA GLU D 248 19.74 -28.95 -6.43
C GLU D 248 20.84 -28.82 -5.40
N ILE D 249 21.01 -27.62 -4.86
CA ILE D 249 22.01 -27.38 -3.81
C ILE D 249 21.83 -28.26 -2.55
N PHE D 250 20.62 -28.35 -2.01
CA PHE D 250 20.44 -29.03 -0.73
C PHE D 250 20.09 -30.50 -0.85
N GLN D 251 19.43 -30.88 -1.92
CA GLN D 251 18.98 -32.28 -2.13
C GLN D 251 19.86 -33.04 -3.14
N GLY D 252 20.63 -32.30 -3.94
CA GLY D 252 21.66 -32.91 -4.79
C GLY D 252 21.20 -33.67 -6.01
N TYR D 253 20.00 -33.39 -6.50
CA TYR D 253 19.53 -33.95 -7.75
C TYR D 253 18.97 -32.86 -8.63
N GLU D 254 18.73 -33.23 -9.88
CA GLU D 254 18.21 -32.33 -10.90
C GLU D 254 16.73 -32.00 -10.67
N ALA D 255 16.41 -30.70 -10.63
CA ALA D 255 15.07 -30.23 -10.26
C ALA D 255 14.23 -29.74 -11.44
N GLY D 256 14.80 -29.77 -12.64
CA GLY D 256 14.15 -29.17 -13.78
C GLY D 256 14.22 -27.65 -13.71
N GLU D 257 13.34 -26.99 -14.45
CA GLU D 257 13.34 -25.54 -14.45
C GLU D 257 11.92 -24.99 -14.55
N PRO D 258 11.75 -23.67 -14.27
CA PRO D 258 10.46 -23.00 -14.49
C PRO D 258 10.28 -22.64 -15.97
N ARG D 259 9.20 -21.95 -16.31
CA ARG D 259 9.02 -21.59 -17.71
C ARG D 259 8.73 -20.11 -17.75
N GLY D 260 9.27 -19.43 -18.75
CA GLY D 260 9.09 -18.02 -18.86
C GLY D 260 7.68 -17.45 -19.03
N PRO D 261 7.36 -16.49 -18.18
CA PRO D 261 8.06 -15.26 -17.82
C PRO D 261 8.83 -15.59 -16.54
N VAL D 262 8.57 -16.77 -15.94
CA VAL D 262 9.41 -17.20 -14.85
C VAL D 262 10.63 -17.95 -15.39
N TYR D 263 11.58 -17.19 -15.96
CA TYR D 263 12.76 -17.78 -16.60
C TYR D 263 13.70 -18.41 -15.60
N PRO D 264 14.24 -19.57 -15.96
CA PRO D 264 15.25 -20.24 -15.13
C PRO D 264 16.40 -19.29 -14.77
N LEU D 265 17.07 -19.52 -13.65
CA LEU D 265 18.25 -18.73 -13.29
C LEU D 265 19.32 -18.92 -14.37
N ASP D 266 20.17 -17.91 -14.57
CA ASP D 266 21.29 -18.06 -15.51
C ASP D 266 22.53 -18.57 -14.74
N PRO D 267 23.53 -19.11 -15.46
CA PRO D 267 24.74 -19.66 -14.83
C PRO D 267 25.34 -18.75 -13.76
N GLU D 268 25.34 -17.45 -14.03
CA GLU D 268 25.87 -16.47 -13.06
C GLU D 268 25.03 -16.37 -11.77
N GLU D 269 23.72 -16.42 -11.92
CA GLU D 269 22.83 -16.30 -10.77
C GLU D 269 22.94 -17.52 -9.89
N LYS D 270 23.06 -18.67 -10.53
CA LYS D 270 23.25 -19.93 -9.81
C LYS D 270 24.54 -19.94 -9.02
N ALA D 271 25.63 -19.48 -9.63
CA ALA D 271 26.92 -19.42 -8.93
C ALA D 271 26.81 -18.49 -7.75
N TRP D 272 26.16 -17.33 -7.95
CA TRP D 272 25.97 -16.40 -6.84
C TRP D 272 25.17 -17.02 -5.71
N LEU D 273 24.10 -17.74 -6.04
CA LEU D 273 23.26 -18.34 -4.98
C LEU D 273 24.04 -19.39 -4.18
N ARG D 274 24.79 -20.23 -4.87
CA ARG D 274 25.54 -21.30 -4.20
C ARG D 274 26.49 -20.73 -3.15
N ALA D 275 27.23 -19.69 -3.53
CA ALA D 275 28.15 -19.01 -2.63
C ALA D 275 27.41 -18.34 -1.49
N ALA D 276 26.29 -17.66 -1.82
CA ALA D 276 25.46 -16.98 -0.81
C ALA D 276 24.92 -17.88 0.30
N VAL D 277 24.61 -19.13 -0.03
CA VAL D 277 24.00 -20.06 0.94
C VAL D 277 25.01 -21.06 1.50
N ALA D 278 26.27 -20.93 1.08
CA ALA D 278 27.30 -21.88 1.53
C ALA D 278 27.49 -21.90 3.05
N LYS D 279 27.56 -20.72 3.67
CA LYS D 279 27.74 -20.67 5.13
C LYS D 279 26.56 -21.31 5.85
N ALA D 280 25.35 -20.82 5.56
CA ALA D 280 24.13 -21.41 6.11
C ALA D 280 24.15 -22.92 5.94
N LYS D 281 24.46 -23.36 4.73
CA LYS D 281 24.54 -24.77 4.41
C LYS D 281 25.51 -25.51 5.33
N SER D 282 26.63 -24.85 5.65
CA SER D 282 27.66 -25.48 6.46
C SER D 282 27.20 -25.63 7.90
N GLN D 283 26.49 -24.63 8.42
CA GLN D 283 26.00 -24.70 9.79
C GLN D 283 24.79 -25.62 9.98
N LEU D 284 24.35 -26.27 8.92
CA LEU D 284 23.15 -27.09 8.94
C LEU D 284 23.25 -28.43 9.70
N ARG D 285 24.11 -29.31 9.23
CA ARG D 285 24.19 -30.67 9.80
C ARG D 285 22.83 -31.40 9.96
N LEU D 286 22.07 -31.07 11.01
CA LEU D 286 20.77 -31.71 11.30
C LEU D 286 20.89 -33.21 11.64
S SO4 E . 1.37 1.32 21.24
O1 SO4 E . 2.35 1.17 20.14
O2 SO4 E . 1.31 -0.02 21.87
O3 SO4 E . 1.57 2.41 22.18
O4 SO4 E . 0.01 1.64 20.73
S SO4 F . 3.74 21.00 0.58
O1 SO4 F . 3.60 21.68 -0.73
O2 SO4 F . 4.94 20.12 0.47
O3 SO4 F . 4.02 21.89 1.69
O4 SO4 F . 2.51 20.16 0.71
S SO4 G . -8.20 -1.34 -19.61
O1 SO4 G . -6.79 -1.29 -19.15
O2 SO4 G . -9.14 -1.61 -18.49
O3 SO4 G . -8.52 0.04 -20.05
O4 SO4 G . -8.52 -2.40 -20.54
S SO4 H . 2.85 -21.06 -1.79
O1 SO4 H . 2.17 -22.25 -1.28
O2 SO4 H . 1.76 -20.07 -1.69
O3 SO4 H . 3.93 -20.83 -0.81
O4 SO4 H . 3.30 -21.35 -3.13
#